data_8J90
#
_entry.id   8J90
#
_cell.length_a   1.00
_cell.length_b   1.00
_cell.length_c   1.00
_cell.angle_alpha   90.00
_cell.angle_beta   90.00
_cell.angle_gamma   90.00
#
_symmetry.space_group_name_H-M   'P 1'
#
loop_
_entity.id
_entity.type
_entity.pdbx_description
1 polymer 'Histone H3.1'
2 polymer 'Histone H4'
3 polymer HTA6
4 polymer HTB9
5 polymer 'DNA (169-MER)'
6 polymer 'DNA (169-MER)'
7 polymer 'ATP-dependent DNA helicase DDM1'
#
loop_
_entity_poly.entity_id
_entity_poly.type
_entity_poly.pdbx_seq_one_letter_code
_entity_poly.pdbx_strand_id
1 'polypeptide(L)'
;GSHMARTKQTARKSTGGKAPRKQLATKAARKSAPATGGVKKPHRFRPGTVALREIRKYQKSTELLIRKLPFQRLVREIAQ
DFKTDLRFQSSAVAALQEAAEAYLVGLFEDTNLCAIHAKRVTIMPKDIQLARRIRGERA
;
A,E
2 'polypeptide(L)'
;GSHMSGRGKGGKGLGKGGAKRHRKVLRDNIQGITKPAIRRLARRGGVKRISGLIYEETRGVLKIFLENVIRDAVTYTEHA
RRKTVTAMDVVYALKRQGRTLYGFGG
;
B,F
3 'polypeptide(L)'
;GSHMESTGKVKKAFGGRKPPGAPKTKSVSKSMKAGLQFPVGRITRFLKKGRYAQRLGGGAPVYMAAVLEYLAAEVLELAG
NAARDNKKSRIIPRHLLLAIRNDEELGKLLSGVTIAHGGVLPNINSVLLPKKSATKPAEEKATKSPVKSPKKA
;
C,G
4 'polypeptide(L)'
;GSHMAPRAEKKPAEKKPAAEKPVEEKSKAEKAPAEKKPKAGKKLPKEAGAGGDKKKKMKKKSVETYKIYIFKVLKQVHPD
IGISSKAMGIMNSFINDIFEKLASESSKLARYNKKPTITSREIQTAVRLVLPGELAKHAVSEGTKAVTKFTSS
;
D,H
5 'polydeoxyribonucleotide'
;(DA)(DT)(DC)(DG)(DG)(DA)(DC)(DC)(DC)(DT)(DA)(DT)(DC)(DG)(DC)(DG)(DA)(DG)(DC)(DC)
(DA)(DG)(DG)(DC)(DC)(DT)(DG)(DA)(DG)(DA)(DA)(DT)(DC)(DC)(DG)(DG)(DT)(DG)(DC)(DC)
(DG)(DA)(DG)(DG)(DC)(DC)(DG)(DC)(DT)(DC)(DA)(DA)(DT)(DT)(DG)(DG)(DT)(DC)(DG)(DT)
(DA)(DG)(DA)(DC)(DA)(DG)(DC)(DT)(DC)(DT)(DA)(DG)(DC)(DA)(DC)(DC)(DG)(DC)(DT)(DT)
(DA)(DA)(DA)(DC)(DG)(DC)(DA)(DC)(DG)(DT)(DA)(DC)(DG)(DC)(DG)(DC)(DT)(DG)(DT)(DC)
(DC)(DC)(DC)(DC)(DG)(DC)(DG)(DT)(DT)(DT)(DT)(DA)(DA)(DC)(DC)(DG)(DC)(DC)(DA)(DA)
(DG)(DG)(DG)(DG)(DA)(DT)(DT)(DA)(DC)(DT)(DC)(DC)(DC)(DT)(DA)(DG)(DT)(DC)(DT)(DC)
(DC)(DA)(DG)(DG)(DC)(DA)(DC)(DG)(DT)(DG)(DT)(DC)(DA)(DG)(DA)(DT)(DA)(DT)(DA)(DT)
(DA)(DC)(DA)(DT)(DC)(DC)(DG)(DA)(DT)
;
I
6 'polydeoxyribonucleotide'
;(DA)(DT)(DC)(DG)(DG)(DA)(DT)(DG)(DT)(DA)(DT)(DA)(DT)(DA)(DT)(DC)(DT)(DG)(DA)(DC)
(DA)(DC)(DG)(DT)(DG)(DC)(DC)(DT)(DG)(DG)(DA)(DG)(DA)(DC)(DT)(DA)(DG)(DG)(DG)(DA)
(DG)(DT)(DA)(DA)(DT)(DC)(DC)(DC)(DC)(DT)(DT)(DG)(DG)(DC)(DG)(DG)(DT)(DT)(DA)(DA)
(DA)(DA)(DC)(DG)(DC)(DG)(DG)(DG)(DG)(DG)(DA)(DC)(DA)(DG)(DC)(DG)(DC)(DG)(DT)(DA)
(DC)(DG)(DT)(DG)(DC)(DG)(DT)(DT)(DT)(DA)(DA)(DG)(DC)(DG)(DG)(DT)(DG)(DC)(DT)(DA)
(DG)(DA)(DG)(DC)(DT)(DG)(DT)(DC)(DT)(DA)(DC)(DG)(DA)(DC)(DC)(DA)(DA)(DT)(DT)(DG)
(DA)(DG)(DC)(DG)(DG)(DC)(DC)(DT)(DC)(DG)(DG)(DC)(DA)(DC)(DC)(DG)(DG)(DA)(DT)(DT)
(DC)(DT)(DC)(DA)(DG)(DG)(DC)(DC)(DT)(DG)(DG)(DC)(DT)(DC)(DG)(DC)(DG)(DA)(DT)(DA)
(DG)(DG)(DG)(DT)(DC)(DC)(DG)(DA)(DT)
;
J
7 'polypeptide(L)'
;GPHMVSLRSRKVIPASEMVSDGKTEKDASGDSPTSVLNEEENCEEKSVTVVEEEILLAKNGDSSLISEAMAQEEEQLLKL
REDEEKANNAGSAVAPNLNETQFTKLDELLTQTQLYSEFLLEKMEDITINGIESESQKAEPEKTGRGRKRKAASQYNNTK
AKRAVAAMISRSKEDGETINSDLTEEETVIKLQNELCPLLTGGQLKSYQLKGVKWLISLWQNGLNGILADQMGLGKTIQT
IGFLSHLKGNGLDGPYLVIAPLSTLSNWFNEIARFTPSINAIIYHGDKNQRDELRRKHMPKTVGPKFPIVITSYEVAMND
AKRILRHYPWKYVVIDEGHRLKNHKCKLLRELKHLKMDNKLLLTGTPLQNNLSELWSLLNFILPDIFTSHDEFESWFDFS
EKNKNEATKEEEEKRRAQVVSKLHGILRPFILRRMKCDVELSLPRKKEIIMYATMTDHQKKFQEHLVNNTLEAHLGENAI
RGQGWKGKLNNLVIQLRKNCNHPDLLQGQIDGSYLYPPVEEIVGQCGKFRLLERLLVRLFANNHKVLIFSQWTKLLDIMD
YYFSEKGFEVCRIDGSVKLDERRRQIKDFSDEKSSCSIFLLSTRAGGLGINLTAADTCILYDSDWNPQMDLQAMDRCHRI
GQTKPVHVYRLSTAQSIETRVLKRAYSKLKLEHVVIGQGQFHQERAKSSTPLEEEDILALLKEDETAEDKLIQTDISDAD
LDRLLDRSDLTITAPGETQAAEAFPVKGPGWEVVLPSSGGMLSSLNS
;
K
#
loop_
_chem_comp.id
_chem_comp.type
_chem_comp.name
_chem_comp.formula
DA DNA linking 2'-DEOXYADENOSINE-5'-MONOPHOSPHATE 'C10 H14 N5 O6 P'
DC DNA linking 2'-DEOXYCYTIDINE-5'-MONOPHOSPHATE 'C9 H14 N3 O7 P'
DG DNA linking 2'-DEOXYGUANOSINE-5'-MONOPHOSPHATE 'C10 H14 N5 O7 P'
DT DNA linking THYMIDINE-5'-MONOPHOSPHATE 'C10 H15 N2 O8 P'
#
# COMPACT_ATOMS: atom_id res chain seq x y z
N LEU A 65 -11.51 -30.25 -41.76
CA LEU A 65 -12.38 -30.65 -40.67
C LEU A 65 -12.36 -32.16 -40.47
N ILE A 66 -13.27 -32.65 -39.63
CA ILE A 66 -13.42 -34.08 -39.38
C ILE A 66 -14.81 -34.49 -39.83
N ARG A 67 -14.98 -35.79 -40.02
CA ARG A 67 -16.21 -36.31 -40.60
C ARG A 67 -17.34 -36.33 -39.56
N LYS A 68 -18.51 -35.84 -39.98
CA LYS A 68 -19.57 -35.50 -39.05
C LYS A 68 -20.10 -36.73 -38.31
N LEU A 69 -20.42 -37.78 -39.04
CA LEU A 69 -21.05 -38.93 -38.38
C LEU A 69 -20.04 -39.78 -37.63
N PRO A 70 -18.77 -39.86 -38.07
CA PRO A 70 -17.75 -40.42 -37.16
C PRO A 70 -17.63 -39.65 -35.84
N PHE A 71 -17.57 -38.32 -35.90
CA PHE A 71 -17.55 -37.60 -34.64
C PHE A 71 -18.84 -37.84 -33.86
N GLN A 72 -19.93 -38.06 -34.59
CA GLN A 72 -21.20 -38.38 -33.93
C GLN A 72 -21.10 -39.67 -33.13
N ARG A 73 -20.55 -40.72 -33.73
CA ARG A 73 -20.45 -41.95 -32.95
C ARG A 73 -19.51 -41.75 -31.77
N LEU A 74 -18.47 -40.92 -31.96
CA LEU A 74 -17.55 -40.68 -30.85
C LEU A 74 -18.27 -40.01 -29.69
N VAL A 75 -19.11 -39.01 -29.98
CA VAL A 75 -19.86 -38.35 -28.92
C VAL A 75 -20.83 -39.33 -28.27
N ARG A 76 -21.44 -40.21 -29.07
CA ARG A 76 -22.33 -41.22 -28.51
C ARG A 76 -21.59 -42.13 -27.54
N GLU A 77 -20.37 -42.54 -27.91
CA GLU A 77 -19.56 -43.37 -27.03
C GLU A 77 -19.23 -42.62 -25.75
N ILE A 78 -18.88 -41.34 -25.88
CA ILE A 78 -18.56 -40.55 -24.69
C ILE A 78 -19.77 -40.47 -23.77
N ALA A 79 -20.96 -40.28 -24.35
CA ALA A 79 -22.17 -40.16 -23.55
C ALA A 79 -22.47 -41.47 -22.84
N GLN A 80 -22.49 -42.58 -23.58
CA GLN A 80 -22.76 -43.86 -22.95
C GLN A 80 -21.69 -44.24 -21.94
N ASP A 81 -20.51 -43.62 -22.03
CA ASP A 81 -19.49 -43.84 -21.02
C ASP A 81 -19.94 -43.29 -19.67
N PHE A 82 -20.62 -42.15 -19.66
CA PHE A 82 -21.00 -41.50 -18.41
C PHE A 82 -22.30 -42.05 -17.84
N LYS A 83 -23.41 -41.86 -18.56
CA LYS A 83 -24.71 -42.28 -18.07
C LYS A 83 -25.63 -42.37 -19.28
N THR A 84 -26.37 -43.43 -19.40
CA THR A 84 -27.10 -43.67 -20.63
C THR A 84 -28.47 -43.12 -20.82
N ASP A 85 -29.06 -43.54 -21.92
CA ASP A 85 -30.37 -43.11 -22.33
C ASP A 85 -30.38 -41.61 -22.35
N LEU A 86 -29.57 -41.05 -23.22
CA LEU A 86 -29.50 -39.63 -23.41
C LEU A 86 -29.67 -39.41 -24.89
N ARG A 87 -30.36 -38.37 -25.30
CA ARG A 87 -30.57 -38.15 -26.72
C ARG A 87 -29.85 -36.89 -27.17
N PHE A 88 -29.26 -36.95 -28.36
CA PHE A 88 -28.53 -35.84 -28.94
C PHE A 88 -29.33 -35.30 -30.12
N GLN A 89 -29.21 -34.00 -30.35
CA GLN A 89 -29.86 -33.39 -31.50
C GLN A 89 -28.84 -32.65 -32.37
N SER A 90 -29.26 -32.39 -33.61
CA SER A 90 -28.31 -32.09 -34.68
C SER A 90 -27.49 -30.83 -34.37
N SER A 91 -28.14 -29.77 -33.91
CA SER A 91 -27.40 -28.56 -33.61
C SER A 91 -26.44 -28.77 -32.47
N ALA A 92 -26.80 -29.61 -31.50
CA ALA A 92 -25.89 -29.91 -30.40
C ALA A 92 -24.65 -30.64 -30.90
N VAL A 93 -24.85 -31.65 -31.76
CA VAL A 93 -23.71 -32.38 -32.31
C VAL A 93 -22.84 -31.43 -33.13
N ALA A 94 -23.45 -30.55 -33.90
CA ALA A 94 -22.67 -29.59 -34.68
C ALA A 94 -21.87 -28.67 -33.77
N ALA A 95 -22.48 -28.20 -32.69
CA ALA A 95 -21.77 -27.31 -31.77
C ALA A 95 -20.59 -28.03 -31.13
N LEU A 96 -20.79 -29.28 -30.72
CA LEU A 96 -19.68 -30.06 -30.20
C LEU A 96 -18.56 -30.16 -31.22
N GLN A 97 -18.92 -30.39 -32.49
CA GLN A 97 -17.90 -30.49 -33.52
C GLN A 97 -17.10 -29.20 -33.65
N GLU A 98 -17.79 -28.06 -33.69
CA GLU A 98 -17.08 -26.79 -33.82
C GLU A 98 -16.18 -26.53 -32.62
N ALA A 99 -16.68 -26.81 -31.42
CA ALA A 99 -15.90 -26.55 -30.22
C ALA A 99 -14.65 -27.41 -30.19
N ALA A 100 -14.78 -28.70 -30.53
CA ALA A 100 -13.62 -29.57 -30.54
C ALA A 100 -12.60 -29.10 -31.56
N GLU A 101 -13.07 -28.74 -32.76
CA GLU A 101 -12.15 -28.22 -33.77
C GLU A 101 -11.39 -27.02 -33.25
N ALA A 102 -12.11 -26.06 -32.66
CA ALA A 102 -11.47 -24.84 -32.20
C ALA A 102 -10.42 -25.13 -31.15
N TYR A 103 -10.78 -25.92 -30.14
CA TYR A 103 -9.83 -26.18 -29.06
C TYR A 103 -8.61 -26.92 -29.59
N LEU A 104 -8.82 -27.91 -30.45
CA LEU A 104 -7.70 -28.70 -30.92
C LEU A 104 -6.77 -27.89 -31.82
N VAL A 105 -7.34 -27.04 -32.69
CA VAL A 105 -6.48 -26.25 -33.56
C VAL A 105 -5.71 -25.21 -32.75
N GLY A 106 -6.34 -24.65 -31.72
CA GLY A 106 -5.62 -23.75 -30.84
C GLY A 106 -4.48 -24.44 -30.13
N LEU A 107 -4.73 -25.65 -29.62
CA LEU A 107 -3.67 -26.40 -28.97
C LEU A 107 -2.53 -26.67 -29.94
N PHE A 108 -2.85 -27.01 -31.19
CA PHE A 108 -1.81 -27.24 -32.17
C PHE A 108 -1.02 -25.97 -32.46
N GLU A 109 -1.69 -24.82 -32.53
CA GLU A 109 -0.95 -23.57 -32.73
C GLU A 109 0.02 -23.34 -31.60
N ASP A 110 -0.43 -23.55 -30.37
CA ASP A 110 0.45 -23.37 -29.23
C ASP A 110 1.63 -24.33 -29.29
N THR A 111 1.37 -25.58 -29.66
CA THR A 111 2.46 -26.56 -29.75
C THR A 111 3.42 -26.21 -30.88
N ASN A 112 2.92 -25.65 -31.98
CA ASN A 112 3.80 -25.22 -33.05
C ASN A 112 4.73 -24.12 -32.55
N LEU A 113 4.18 -23.18 -31.78
CA LEU A 113 5.04 -22.15 -31.20
C LEU A 113 6.07 -22.76 -30.26
N CYS A 114 5.65 -23.72 -29.44
CA CYS A 114 6.58 -24.38 -28.54
C CYS A 114 7.69 -25.08 -29.31
N ALA A 115 7.34 -25.73 -30.43
CA ALA A 115 8.35 -26.44 -31.21
C ALA A 115 9.31 -25.48 -31.88
N ILE A 116 8.80 -24.39 -32.46
CA ILE A 116 9.72 -23.43 -33.08
C ILE A 116 10.61 -22.82 -32.02
N HIS A 117 10.12 -22.71 -30.78
CA HIS A 117 11.01 -22.41 -29.67
C HIS A 117 12.01 -23.52 -29.42
N ALA A 118 11.63 -24.76 -29.69
CA ALA A 118 12.50 -25.90 -29.45
C ALA A 118 13.54 -26.10 -30.54
N LYS A 119 13.62 -25.19 -31.50
CA LYS A 119 14.65 -25.19 -32.54
C LYS A 119 14.59 -26.44 -33.42
N ARG A 120 13.44 -27.10 -33.49
CA ARG A 120 13.26 -28.25 -34.36
C ARG A 120 11.94 -28.12 -35.11
N VAL A 121 11.96 -28.47 -36.39
CA VAL A 121 10.77 -28.36 -37.22
C VAL A 121 9.73 -29.40 -36.84
N THR A 122 10.15 -30.50 -36.20
CA THR A 122 9.24 -31.57 -35.83
C THR A 122 8.60 -31.29 -34.48
N ILE A 123 7.32 -31.60 -34.36
CA ILE A 123 6.63 -31.57 -33.08
C ILE A 123 6.55 -32.99 -32.53
N MET A 124 6.98 -33.18 -31.29
CA MET A 124 6.86 -34.48 -30.65
C MET A 124 5.74 -34.38 -29.62
N PRO A 125 5.25 -35.50 -29.10
CA PRO A 125 4.20 -35.44 -28.07
C PRO A 125 4.58 -34.70 -26.81
N LYS A 126 5.85 -34.65 -26.42
CA LYS A 126 6.13 -33.90 -25.21
C LYS A 126 5.96 -32.41 -25.42
N ASP A 127 5.96 -31.94 -26.67
CA ASP A 127 5.54 -30.57 -26.95
C ASP A 127 4.10 -30.35 -26.47
N ILE A 128 3.19 -31.23 -26.88
CA ILE A 128 1.80 -31.12 -26.45
C ILE A 128 1.72 -31.26 -24.94
N GLN A 129 2.51 -32.17 -24.38
CA GLN A 129 2.54 -32.34 -22.93
C GLN A 129 2.91 -31.04 -22.24
N LEU A 130 3.95 -30.37 -22.74
CA LEU A 130 4.36 -29.10 -22.17
C LEU A 130 3.27 -28.05 -22.32
N ALA A 131 2.65 -28.00 -23.49
CA ALA A 131 1.61 -26.99 -23.69
C ALA A 131 0.46 -27.19 -22.72
N ARG A 132 0.04 -28.44 -22.55
CA ARG A 132 -1.04 -28.74 -21.62
C ARG A 132 -0.63 -28.40 -20.19
N ARG A 133 0.59 -28.78 -19.80
CA ARG A 133 1.05 -28.51 -18.45
C ARG A 133 1.11 -27.02 -18.17
N ILE A 134 1.59 -26.24 -19.14
CA ILE A 134 1.64 -24.80 -18.95
C ILE A 134 0.22 -24.24 -18.89
N ARG A 135 -0.67 -24.71 -19.75
CA ARG A 135 -2.05 -24.25 -19.74
C ARG A 135 -2.75 -24.56 -18.44
N GLY A 136 -2.33 -25.60 -17.73
CA GLY A 136 -2.74 -25.77 -16.35
C GLY A 136 -3.89 -26.72 -16.11
N GLU A 137 -4.40 -27.38 -17.14
CA GLU A 137 -5.45 -28.38 -16.99
C GLU A 137 -4.89 -29.75 -17.34
N ARG A 138 -5.29 -30.75 -16.57
CA ARG A 138 -4.79 -32.10 -16.75
C ARG A 138 -5.90 -33.13 -16.62
N ARG B 27 -17.77 -49.29 -29.79
CA ARG B 27 -16.63 -49.93 -29.14
C ARG B 27 -15.32 -49.45 -29.76
N ASP B 28 -14.51 -48.80 -28.94
CA ASP B 28 -13.23 -48.22 -29.38
C ASP B 28 -13.45 -47.28 -30.57
N ASN B 29 -14.48 -46.43 -30.46
CA ASN B 29 -14.86 -45.57 -31.57
C ASN B 29 -13.83 -44.47 -31.85
N ILE B 30 -12.88 -44.23 -30.96
CA ILE B 30 -11.94 -43.14 -31.15
C ILE B 30 -11.04 -43.36 -32.35
N GLN B 31 -10.97 -44.59 -32.86
CA GLN B 31 -10.19 -44.83 -34.07
C GLN B 31 -10.77 -44.12 -35.28
N GLY B 32 -12.01 -43.65 -35.19
CA GLY B 32 -12.60 -42.90 -36.29
C GLY B 32 -11.85 -41.62 -36.60
N ILE B 33 -11.27 -40.99 -35.58
CA ILE B 33 -10.42 -39.82 -35.80
C ILE B 33 -9.16 -40.32 -36.50
N THR B 34 -9.08 -40.08 -37.80
CA THR B 34 -8.08 -40.73 -38.63
C THR B 34 -6.81 -39.91 -38.71
N LYS B 35 -5.76 -40.58 -39.19
CA LYS B 35 -4.45 -39.92 -39.32
C LYS B 35 -4.48 -38.72 -40.24
N PRO B 36 -5.06 -38.78 -41.44
CA PRO B 36 -5.16 -37.56 -42.25
C PRO B 36 -6.01 -36.48 -41.61
N ALA B 37 -6.94 -36.84 -40.71
CA ALA B 37 -7.71 -35.82 -40.00
C ALA B 37 -6.79 -34.98 -39.13
N ILE B 38 -5.99 -35.63 -38.29
CA ILE B 38 -5.03 -34.91 -37.48
C ILE B 38 -4.05 -34.17 -38.38
N ARG B 39 -3.67 -34.79 -39.49
CA ARG B 39 -2.75 -34.14 -40.43
C ARG B 39 -3.31 -32.81 -40.89
N ARG B 40 -4.55 -32.81 -41.38
CA ARG B 40 -5.11 -31.58 -41.92
C ARG B 40 -5.41 -30.57 -40.81
N LEU B 41 -5.75 -31.05 -39.62
CA LEU B 41 -6.04 -30.09 -38.55
C LEU B 41 -4.77 -29.41 -38.09
N ALA B 42 -3.67 -30.16 -38.03
CA ALA B 42 -2.36 -29.55 -37.75
C ALA B 42 -1.95 -28.61 -38.88
N ARG B 43 -2.24 -28.99 -40.13
CA ARG B 43 -1.94 -28.11 -41.25
C ARG B 43 -2.68 -26.78 -41.10
N ARG B 44 -3.96 -26.86 -40.73
CA ARG B 44 -4.69 -25.64 -40.39
C ARG B 44 -4.05 -24.92 -39.23
N GLY B 45 -3.45 -25.65 -38.30
CA GLY B 45 -2.68 -25.06 -37.23
C GLY B 45 -1.31 -24.58 -37.63
N GLY B 46 -0.96 -24.67 -38.91
CA GLY B 46 0.33 -24.23 -39.39
C GLY B 46 1.47 -25.18 -39.11
N VAL B 47 1.18 -26.40 -38.65
CA VAL B 47 2.22 -27.36 -38.39
C VAL B 47 2.80 -27.85 -39.72
N LYS B 48 4.13 -27.83 -39.82
CA LYS B 48 4.80 -28.23 -41.05
C LYS B 48 5.27 -29.68 -41.01
N ARG B 49 5.60 -30.21 -39.83
CA ARG B 49 6.31 -31.47 -39.72
C ARG B 49 5.79 -32.20 -38.49
N ILE B 50 4.99 -33.25 -38.70
CA ILE B 50 4.30 -33.95 -37.62
C ILE B 50 5.01 -35.26 -37.36
N SER B 51 5.32 -35.54 -36.09
CA SER B 51 5.95 -36.79 -35.72
C SER B 51 4.90 -37.90 -35.57
N GLY B 52 5.40 -39.14 -35.51
CA GLY B 52 4.51 -40.29 -35.55
C GLY B 52 3.70 -40.53 -34.30
N LEU B 53 4.21 -40.12 -33.14
CA LEU B 53 3.52 -40.36 -31.88
C LEU B 53 2.52 -39.26 -31.55
N ILE B 54 2.35 -38.28 -32.43
CA ILE B 54 1.39 -37.21 -32.18
C ILE B 54 -0.03 -37.76 -32.12
N TYR B 55 -0.30 -38.81 -32.90
CA TYR B 55 -1.68 -39.25 -33.09
C TYR B 55 -2.32 -39.70 -31.79
N GLU B 56 -1.63 -40.56 -31.04
CA GLU B 56 -2.21 -41.06 -29.80
C GLU B 56 -2.39 -39.94 -28.77
N GLU B 57 -1.42 -39.03 -28.69
CA GLU B 57 -1.55 -37.92 -27.75
C GLU B 57 -2.74 -37.03 -28.11
N THR B 58 -2.94 -36.79 -29.40
CA THR B 58 -4.11 -36.03 -29.84
C THR B 58 -5.38 -36.77 -29.48
N ARG B 59 -5.39 -38.07 -29.70
CA ARG B 59 -6.54 -38.89 -29.35
C ARG B 59 -6.88 -38.70 -27.88
N GLY B 60 -5.87 -38.72 -27.03
CA GLY B 60 -6.05 -38.45 -25.62
C GLY B 60 -6.65 -37.09 -25.40
N VAL B 61 -5.94 -36.03 -25.82
CA VAL B 61 -6.36 -34.69 -25.45
C VAL B 61 -7.79 -34.44 -25.90
N LEU B 62 -8.17 -34.99 -27.06
CA LEU B 62 -9.56 -34.82 -27.49
C LEU B 62 -10.50 -35.60 -26.58
N LYS B 63 -10.13 -36.82 -26.15
CA LYS B 63 -11.07 -37.54 -25.29
C LYS B 63 -11.26 -36.81 -23.96
N ILE B 64 -10.19 -36.28 -23.38
CA ILE B 64 -10.34 -35.55 -22.12
C ILE B 64 -11.18 -34.30 -22.31
N PHE B 65 -10.87 -33.50 -23.33
CA PHE B 65 -11.63 -32.27 -23.54
C PHE B 65 -13.11 -32.58 -23.73
N LEU B 66 -13.41 -33.49 -24.66
CA LEU B 66 -14.79 -33.85 -24.93
C LEU B 66 -15.48 -34.44 -23.72
N GLU B 67 -14.74 -35.16 -22.86
CA GLU B 67 -15.42 -35.77 -21.72
C GLU B 67 -15.77 -34.73 -20.67
N ASN B 68 -14.91 -33.73 -20.46
CA ASN B 68 -15.32 -32.63 -19.59
C ASN B 68 -16.54 -31.91 -20.15
N VAL B 69 -16.53 -31.66 -21.47
CA VAL B 69 -17.66 -30.95 -22.07
C VAL B 69 -18.94 -31.76 -21.91
N ILE B 70 -18.87 -33.06 -22.19
CA ILE B 70 -20.06 -33.91 -22.12
C ILE B 70 -20.53 -34.06 -20.69
N ARG B 71 -19.60 -34.11 -19.72
CA ARG B 71 -20.00 -34.15 -18.32
C ARG B 71 -20.81 -32.92 -17.96
N ASP B 72 -20.33 -31.74 -18.34
CA ASP B 72 -21.10 -30.54 -18.07
C ASP B 72 -22.45 -30.58 -18.78
N ALA B 73 -22.46 -31.04 -20.04
CA ALA B 73 -23.69 -31.06 -20.80
C ALA B 73 -24.72 -31.98 -20.17
N VAL B 74 -24.30 -33.16 -19.74
CA VAL B 74 -25.23 -34.09 -19.12
C VAL B 74 -25.71 -33.55 -17.79
N THR B 75 -24.84 -32.83 -17.06
CA THR B 75 -25.28 -32.18 -15.84
C THR B 75 -26.41 -31.20 -16.13
N TYR B 76 -26.24 -30.39 -17.17
CA TYR B 76 -27.27 -29.41 -17.49
C TYR B 76 -28.55 -30.08 -17.98
N THR B 77 -28.43 -31.14 -18.77
CA THR B 77 -29.63 -31.84 -19.21
C THR B 77 -30.37 -32.45 -18.03
N GLU B 78 -29.63 -32.97 -17.06
CA GLU B 78 -30.27 -33.39 -15.82
C GLU B 78 -30.97 -32.22 -15.14
N HIS B 79 -30.34 -31.05 -15.17
CA HIS B 79 -31.00 -29.87 -14.64
C HIS B 79 -32.27 -29.53 -15.41
N ALA B 80 -32.33 -29.92 -16.67
CA ALA B 80 -33.48 -29.59 -17.51
C ALA B 80 -34.63 -30.57 -17.36
N ARG B 81 -34.48 -31.62 -16.55
CA ARG B 81 -35.50 -32.63 -16.34
C ARG B 81 -35.82 -33.39 -17.62
N ARG B 82 -35.13 -33.08 -18.71
CA ARG B 82 -35.41 -33.68 -20.00
C ARG B 82 -34.39 -34.77 -20.31
N LYS B 83 -34.72 -35.57 -21.33
CA LYS B 83 -33.93 -36.75 -21.68
C LYS B 83 -33.13 -36.56 -22.97
N THR B 84 -33.00 -35.32 -23.44
CA THR B 84 -32.23 -35.03 -24.64
C THR B 84 -31.25 -33.91 -24.34
N VAL B 85 -30.26 -33.76 -25.22
CA VAL B 85 -29.22 -32.75 -25.09
C VAL B 85 -29.44 -31.70 -26.17
N THR B 86 -29.50 -30.43 -25.76
CA THR B 86 -29.84 -29.34 -26.65
C THR B 86 -28.67 -28.37 -26.80
N ALA B 87 -28.64 -27.70 -27.95
CA ALA B 87 -27.56 -26.76 -28.21
C ALA B 87 -27.51 -25.65 -27.18
N MET B 88 -28.65 -25.30 -26.59
CA MET B 88 -28.67 -24.17 -25.66
C MET B 88 -27.82 -24.46 -24.43
N ASP B 89 -28.13 -25.54 -23.71
CA ASP B 89 -27.31 -25.86 -22.56
C ASP B 89 -25.95 -26.40 -22.96
N VAL B 90 -25.79 -26.86 -24.20
CA VAL B 90 -24.43 -27.14 -24.69
C VAL B 90 -23.60 -25.87 -24.68
N VAL B 91 -24.17 -24.78 -25.20
CA VAL B 91 -23.47 -23.50 -25.18
C VAL B 91 -23.23 -23.05 -23.75
N TYR B 92 -24.20 -23.30 -22.87
CA TYR B 92 -23.97 -23.00 -21.45
C TYR B 92 -22.74 -23.72 -20.94
N ALA B 93 -22.62 -25.01 -21.25
CA ALA B 93 -21.47 -25.78 -20.78
C ALA B 93 -20.17 -25.24 -21.35
N LEU B 94 -20.15 -24.97 -22.65
CA LEU B 94 -18.93 -24.46 -23.27
C LEU B 94 -18.53 -23.13 -22.65
N LYS B 95 -19.52 -22.28 -22.34
CA LYS B 95 -19.21 -21.02 -21.66
C LYS B 95 -18.62 -21.27 -20.28
N ARG B 96 -19.18 -22.25 -19.55
CA ARG B 96 -18.65 -22.57 -18.24
C ARG B 96 -17.21 -23.03 -18.31
N GLN B 97 -16.85 -23.75 -19.37
CA GLN B 97 -15.48 -24.21 -19.53
C GLN B 97 -14.56 -23.15 -20.08
N GLY B 98 -14.91 -21.91 -19.90
CA GLY B 98 -14.02 -20.90 -20.41
C GLY B 98 -13.89 -21.01 -21.89
N ARG B 99 -14.87 -21.59 -22.52
CA ARG B 99 -14.86 -21.63 -23.94
C ARG B 99 -16.18 -20.98 -24.18
N THR B 100 -16.14 -19.82 -24.81
CA THR B 100 -17.31 -19.03 -25.11
C THR B 100 -17.61 -19.16 -26.56
N LEU B 101 -18.84 -19.54 -26.91
CA LEU B 101 -19.03 -19.77 -28.34
C LEU B 101 -20.15 -18.89 -28.87
N TYR B 102 -19.89 -18.26 -30.01
CA TYR B 102 -20.87 -17.49 -30.73
C TYR B 102 -21.27 -18.24 -32.00
N GLY B 103 -22.57 -18.33 -32.24
CA GLY B 103 -23.06 -18.99 -33.43
C GLY B 103 -24.31 -19.82 -33.22
N PHE B 104 -24.70 -19.99 -31.95
CA PHE B 104 -25.90 -20.75 -31.64
C PHE B 104 -26.70 -20.09 -30.53
N GLY B 105 -26.61 -18.76 -30.42
CA GLY B 105 -27.32 -18.02 -29.40
C GLY B 105 -26.52 -17.84 -28.12
N LYS C 30 -32.54 -27.67 16.82
CA LYS C 30 -33.29 -27.40 15.60
C LYS C 30 -32.62 -28.05 14.39
N SER C 31 -31.29 -27.90 14.31
CA SER C 31 -30.54 -28.59 13.27
C SER C 31 -30.61 -30.11 13.43
N MET C 32 -30.92 -30.57 14.64
CA MET C 32 -31.03 -32.01 14.89
C MET C 32 -32.14 -32.66 14.06
N LYS C 33 -33.08 -31.86 13.57
CA LYS C 33 -34.13 -32.41 12.70
C LYS C 33 -33.53 -33.06 11.46
N ALA C 34 -32.39 -32.57 10.98
CA ALA C 34 -31.67 -33.17 9.88
C ALA C 34 -30.32 -33.75 10.29
N GLY C 35 -29.88 -33.53 11.52
CA GLY C 35 -28.59 -34.01 11.96
C GLY C 35 -27.40 -33.32 11.32
N LEU C 36 -27.46 -31.99 11.19
CA LEU C 36 -26.37 -31.20 10.63
C LEU C 36 -25.83 -30.26 11.69
N GLN C 37 -24.68 -29.64 11.39
CA GLN C 37 -23.95 -28.89 12.40
C GLN C 37 -23.54 -27.49 11.93
N PHE C 38 -24.27 -26.92 10.98
CA PHE C 38 -24.11 -25.54 10.54
C PHE C 38 -25.37 -24.71 10.75
N PRO C 39 -25.25 -23.38 10.81
CA PRO C 39 -26.40 -22.54 11.12
C PRO C 39 -27.36 -22.45 9.96
N VAL C 40 -28.32 -23.36 9.90
CA VAL C 40 -29.34 -23.31 8.87
C VAL C 40 -29.98 -21.93 8.84
N GLY C 41 -30.19 -21.35 10.02
CA GLY C 41 -30.74 -20.00 10.08
C GLY C 41 -29.83 -18.96 9.43
N ARG C 42 -28.53 -19.01 9.73
CA ARG C 42 -27.63 -18.01 9.18
C ARG C 42 -27.49 -18.15 7.67
N ILE C 43 -27.38 -19.37 7.18
CA ILE C 43 -27.28 -19.52 5.74
C ILE C 43 -28.60 -19.17 5.07
N THR C 44 -29.72 -19.40 5.74
CA THR C 44 -31.00 -18.91 5.23
C THR C 44 -31.00 -17.39 5.13
N ARG C 45 -30.54 -16.72 6.19
CA ARG C 45 -30.53 -15.26 6.16
C ARG C 45 -29.59 -14.75 5.09
N PHE C 46 -28.52 -15.50 4.79
CA PHE C 46 -27.58 -15.05 3.77
C PHE C 46 -28.17 -15.24 2.37
N LEU C 47 -28.86 -16.35 2.13
CA LEU C 47 -29.60 -16.46 0.88
C LEU C 47 -30.63 -15.35 0.74
N LYS C 48 -31.35 -15.04 1.83
CA LYS C 48 -32.37 -14.01 1.77
C LYS C 48 -31.77 -12.64 1.49
N LYS C 49 -30.77 -12.24 2.28
CA LYS C 49 -30.14 -10.94 2.11
C LYS C 49 -29.39 -10.84 0.80
N GLY C 50 -28.94 -11.96 0.24
CA GLY C 50 -28.37 -11.93 -1.09
C GLY C 50 -29.40 -11.75 -2.16
N ARG C 51 -30.66 -12.06 -1.87
CA ARG C 51 -31.75 -11.91 -2.83
C ARG C 51 -31.43 -12.61 -4.14
N TYR C 52 -30.75 -13.76 -4.05
CA TYR C 52 -30.35 -14.50 -5.22
C TYR C 52 -31.53 -15.04 -6.01
N ALA C 53 -32.73 -15.05 -5.41
CA ALA C 53 -33.92 -15.48 -6.11
C ALA C 53 -35.13 -14.83 -5.46
N GLN C 54 -36.25 -14.87 -6.18
CA GLN C 54 -37.50 -14.36 -5.64
C GLN C 54 -38.08 -15.29 -4.58
N ARG C 55 -37.77 -16.57 -4.66
CA ARG C 55 -38.40 -17.57 -3.80
C ARG C 55 -37.35 -18.58 -3.35
N LEU C 56 -37.41 -18.97 -2.08
CA LEU C 56 -36.41 -19.85 -1.48
C LEU C 56 -37.08 -21.13 -1.00
N GLY C 57 -36.49 -22.28 -1.34
CA GLY C 57 -37.01 -23.55 -0.90
C GLY C 57 -36.68 -23.83 0.56
N GLY C 58 -37.50 -24.68 1.18
CA GLY C 58 -37.32 -24.98 2.59
C GLY C 58 -36.03 -25.72 2.88
N GLY C 59 -35.74 -26.77 2.11
CA GLY C 59 -34.55 -27.56 2.31
C GLY C 59 -33.30 -27.03 1.66
N ALA C 60 -33.40 -25.88 0.99
CA ALA C 60 -32.23 -25.30 0.35
C ALA C 60 -31.12 -24.98 1.35
N PRO C 61 -31.38 -24.32 2.48
CA PRO C 61 -30.31 -24.19 3.49
C PRO C 61 -29.84 -25.53 4.01
N VAL C 62 -30.71 -26.53 4.09
CA VAL C 62 -30.28 -27.83 4.58
C VAL C 62 -29.21 -28.41 3.67
N TYR C 63 -29.45 -28.38 2.36
CA TYR C 63 -28.45 -28.90 1.44
C TYR C 63 -27.20 -28.02 1.40
N MET C 64 -27.36 -26.70 1.55
CA MET C 64 -26.20 -25.83 1.63
C MET C 64 -25.32 -26.23 2.81
N ALA C 65 -25.94 -26.43 3.97
CA ALA C 65 -25.18 -26.83 5.14
C ALA C 65 -24.54 -28.19 4.95
N ALA C 66 -25.24 -29.10 4.26
CA ALA C 66 -24.67 -30.43 4.02
C ALA C 66 -23.41 -30.35 3.18
N VAL C 67 -23.47 -29.62 2.06
CA VAL C 67 -22.28 -29.54 1.21
C VAL C 67 -21.17 -28.81 1.94
N LEU C 68 -21.51 -27.76 2.69
CA LEU C 68 -20.49 -27.02 3.42
C LEU C 68 -19.84 -27.88 4.49
N GLU C 69 -20.61 -28.72 5.18
CA GLU C 69 -20.01 -29.55 6.22
C GLU C 69 -19.13 -30.63 5.60
N TYR C 70 -19.53 -31.17 4.44
CA TYR C 70 -18.63 -32.09 3.76
C TYR C 70 -17.32 -31.41 3.41
N LEU C 71 -17.39 -30.20 2.87
CA LEU C 71 -16.17 -29.49 2.49
C LEU C 71 -15.29 -29.24 3.71
N ALA C 72 -15.90 -28.77 4.80
CA ALA C 72 -15.12 -28.45 6.00
C ALA C 72 -14.48 -29.70 6.58
N ALA C 73 -15.24 -30.80 6.66
CA ALA C 73 -14.68 -32.04 7.17
C ALA C 73 -13.53 -32.51 6.31
N GLU C 74 -13.68 -32.41 4.98
CA GLU C 74 -12.63 -32.88 4.08
C GLU C 74 -11.35 -32.06 4.28
N VAL C 75 -11.48 -30.74 4.31
CA VAL C 75 -10.29 -29.90 4.41
C VAL C 75 -9.63 -30.05 5.78
N LEU C 76 -10.43 -30.11 6.84
CA LEU C 76 -9.84 -30.29 8.17
C LEU C 76 -9.24 -31.67 8.33
N GLU C 77 -9.81 -32.69 7.67
CA GLU C 77 -9.21 -34.01 7.72
C GLU C 77 -7.82 -33.99 7.08
N LEU C 78 -7.69 -33.37 5.91
CA LEU C 78 -6.37 -33.28 5.30
C LEU C 78 -5.42 -32.46 6.15
N ALA C 79 -5.90 -31.39 6.76
CA ALA C 79 -5.03 -30.61 7.64
C ALA C 79 -4.52 -31.46 8.80
N GLY C 80 -5.41 -32.24 9.42
CA GLY C 80 -5.00 -33.10 10.51
C GLY C 80 -4.01 -34.17 10.06
N ASN C 81 -4.22 -34.74 8.88
CA ASN C 81 -3.27 -35.70 8.35
C ASN C 81 -1.91 -35.06 8.15
N ALA C 82 -1.87 -33.84 7.64
CA ALA C 82 -0.59 -33.14 7.47
C ALA C 82 0.08 -32.90 8.82
N ALA C 83 -0.70 -32.51 9.82
CA ALA C 83 -0.14 -32.29 11.15
C ALA C 83 0.46 -33.59 11.69
N ARG C 84 -0.23 -34.71 11.49
CA ARG C 84 0.33 -36.00 11.89
C ARG C 84 1.60 -36.32 11.12
N ASP C 85 1.62 -35.98 9.82
CA ASP C 85 2.75 -36.33 8.98
C ASP C 85 4.01 -35.59 9.39
N ASN C 86 3.92 -34.29 9.67
CA ASN C 86 5.10 -33.54 10.03
C ASN C 86 5.35 -33.49 11.53
N LYS C 87 4.69 -34.36 12.30
CA LYS C 87 4.91 -34.45 13.74
C LYS C 87 4.73 -33.10 14.43
N LYS C 88 3.60 -32.44 14.14
CA LYS C 88 3.34 -31.12 14.69
C LYS C 88 1.91 -31.11 15.21
N SER C 89 1.68 -30.34 16.28
CA SER C 89 0.37 -30.24 16.92
C SER C 89 -0.33 -28.92 16.62
N ARG C 90 -0.02 -28.28 15.49
CA ARG C 90 -0.65 -27.04 15.07
C ARG C 90 -1.00 -27.11 13.59
N ILE C 91 -1.98 -26.30 13.20
CA ILE C 91 -2.32 -26.09 11.81
C ILE C 91 -2.09 -24.62 11.48
N ILE C 92 -1.31 -24.36 10.43
CA ILE C 92 -0.86 -23.02 10.09
C ILE C 92 -1.08 -22.79 8.60
N PRO C 93 -1.07 -21.55 8.12
CA PRO C 93 -1.26 -21.32 6.68
C PRO C 93 -0.33 -22.13 5.80
N ARG C 94 0.89 -22.41 6.27
CA ARG C 94 1.74 -23.33 5.53
C ARG C 94 1.11 -24.72 5.43
N HIS C 95 0.55 -25.20 6.54
CA HIS C 95 -0.18 -26.47 6.52
C HIS C 95 -1.29 -26.42 5.49
N LEU C 96 -2.07 -25.34 5.49
CA LEU C 96 -3.19 -25.20 4.57
C LEU C 96 -2.71 -25.23 3.13
N LEU C 97 -1.66 -24.47 2.83
CA LEU C 97 -1.14 -24.40 1.47
C LEU C 97 -0.62 -25.77 1.02
N LEU C 98 0.11 -26.46 1.90
CA LEU C 98 0.61 -27.78 1.54
C LEU C 98 -0.54 -28.74 1.28
N ALA C 99 -1.57 -28.71 2.11
CA ALA C 99 -2.71 -29.61 1.92
C ALA C 99 -3.40 -29.33 0.59
N ILE C 100 -3.61 -28.05 0.28
CA ILE C 100 -4.29 -27.69 -0.97
C ILE C 100 -3.47 -28.14 -2.17
N ARG C 101 -2.16 -27.87 -2.14
CA ARG C 101 -1.32 -28.22 -3.29
C ARG C 101 -1.06 -29.71 -3.38
N ASN C 102 -1.28 -30.46 -2.30
CA ASN C 102 -1.11 -31.90 -2.37
C ASN C 102 -2.37 -32.60 -2.88
N ASP C 103 -3.53 -32.25 -2.31
CA ASP C 103 -4.76 -32.95 -2.69
C ASP C 103 -5.18 -32.55 -4.09
N GLU C 104 -5.34 -33.54 -4.97
CA GLU C 104 -5.70 -33.28 -6.36
C GLU C 104 -7.08 -32.65 -6.47
N GLU C 105 -8.05 -33.17 -5.70
CA GLU C 105 -9.40 -32.63 -5.77
C GLU C 105 -9.43 -31.17 -5.33
N LEU C 106 -8.80 -30.85 -4.21
CA LEU C 106 -8.76 -29.47 -3.77
C LEU C 106 -7.97 -28.59 -4.72
N GLY C 107 -6.92 -29.12 -5.33
CA GLY C 107 -6.21 -28.34 -6.34
C GLY C 107 -7.10 -27.98 -7.52
N LYS C 108 -7.88 -28.95 -7.99
CA LYS C 108 -8.79 -28.66 -9.09
C LYS C 108 -9.85 -27.65 -8.66
N LEU C 109 -10.42 -27.82 -7.46
CA LEU C 109 -11.42 -26.88 -6.98
C LEU C 109 -10.84 -25.49 -6.79
N LEU C 110 -9.55 -25.42 -6.44
CA LEU C 110 -8.87 -24.16 -6.15
C LEU C 110 -7.76 -24.00 -7.18
N SER C 111 -8.12 -23.42 -8.33
CA SER C 111 -7.17 -23.30 -9.43
C SER C 111 -6.30 -22.05 -9.28
N GLY C 112 -6.92 -20.89 -9.25
CA GLY C 112 -6.19 -19.65 -9.06
C GLY C 112 -6.01 -19.30 -7.60
N VAL C 113 -5.99 -20.32 -6.74
CA VAL C 113 -5.88 -20.08 -5.31
C VAL C 113 -4.50 -19.53 -4.99
N THR C 114 -4.47 -18.44 -4.22
CA THR C 114 -3.24 -17.94 -3.63
C THR C 114 -3.53 -17.69 -2.15
N ILE C 115 -2.68 -18.23 -1.29
CA ILE C 115 -2.86 -18.17 0.15
C ILE C 115 -1.80 -17.26 0.72
N ALA C 116 -2.24 -16.29 1.52
CA ALA C 116 -1.28 -15.41 2.21
C ALA C 116 -0.43 -16.23 3.17
N HIS C 117 0.85 -15.85 3.27
CA HIS C 117 1.79 -16.51 4.15
C HIS C 117 1.92 -18.01 3.84
N GLU D 64 -19.07 -10.85 9.09
CA GLU D 64 -19.78 -12.05 9.48
C GLU D 64 -18.80 -13.19 9.76
N THR D 65 -19.09 -13.96 10.81
CA THR D 65 -18.15 -14.92 11.35
C THR D 65 -18.75 -16.31 11.41
N TYR D 66 -17.95 -17.32 11.05
CA TYR D 66 -18.24 -18.72 11.29
C TYR D 66 -17.26 -19.35 12.28
N LYS D 67 -16.41 -18.53 12.90
CA LYS D 67 -15.21 -19.01 13.58
C LYS D 67 -15.52 -20.13 14.56
N ILE D 68 -16.55 -19.94 15.40
CA ILE D 68 -16.88 -20.95 16.38
C ILE D 68 -17.33 -22.23 15.70
N TYR D 69 -17.97 -22.11 14.53
CA TYR D 69 -18.33 -23.34 13.81
C TYR D 69 -17.11 -24.01 13.19
N ILE D 70 -16.12 -23.26 12.72
CA ILE D 70 -14.86 -23.93 12.37
C ILE D 70 -14.29 -24.65 13.58
N PHE D 71 -14.35 -24.01 14.75
CA PHE D 71 -13.86 -24.64 15.97
C PHE D 71 -14.57 -25.95 16.24
N LYS D 72 -15.90 -25.95 16.13
CA LYS D 72 -16.68 -27.13 16.46
C LYS D 72 -16.55 -28.22 15.40
N VAL D 73 -16.35 -27.84 14.13
CA VAL D 73 -16.05 -28.84 13.11
C VAL D 73 -14.69 -29.46 13.35
N LEU D 74 -13.73 -28.66 13.81
CA LEU D 74 -12.43 -29.21 14.19
C LEU D 74 -12.58 -30.19 15.35
N LYS D 75 -13.41 -29.83 16.33
CA LYS D 75 -13.69 -30.76 17.43
C LYS D 75 -14.33 -32.04 16.93
N GLN D 76 -15.23 -31.94 15.96
CA GLN D 76 -15.88 -33.11 15.39
C GLN D 76 -14.86 -34.01 14.69
N VAL D 77 -14.05 -33.45 13.82
CA VAL D 77 -13.17 -34.25 12.97
C VAL D 77 -11.95 -34.72 13.74
N HIS D 78 -11.12 -33.78 14.20
CA HIS D 78 -9.96 -34.09 15.02
C HIS D 78 -9.84 -33.05 16.12
N PRO D 79 -10.50 -33.28 17.26
CA PRO D 79 -10.37 -32.34 18.37
C PRO D 79 -8.98 -32.29 18.97
N ASP D 80 -8.15 -33.31 18.69
CA ASP D 80 -6.81 -33.41 19.26
C ASP D 80 -5.79 -32.54 18.56
N ILE D 81 -6.18 -31.83 17.50
CA ILE D 81 -5.25 -31.10 16.65
C ILE D 81 -5.62 -29.63 16.67
N GLY D 82 -4.61 -28.77 16.81
CA GLY D 82 -4.81 -27.36 16.98
C GLY D 82 -5.04 -26.62 15.67
N ILE D 83 -5.07 -25.29 15.78
CA ILE D 83 -5.45 -24.43 14.66
C ILE D 83 -5.00 -23.01 15.01
N SER D 84 -4.71 -22.18 14.01
CA SER D 84 -4.16 -20.86 14.23
C SER D 84 -5.10 -19.78 13.70
N SER D 85 -4.84 -18.53 14.12
CA SER D 85 -5.74 -17.43 13.78
C SER D 85 -5.81 -17.20 12.28
N LYS D 86 -4.65 -17.15 11.63
CA LYS D 86 -4.64 -17.03 10.17
C LYS D 86 -5.28 -18.23 9.52
N ALA D 87 -5.19 -19.40 10.16
CA ALA D 87 -5.85 -20.59 9.64
C ALA D 87 -7.36 -20.43 9.66
N MET D 88 -7.92 -19.93 10.77
CA MET D 88 -9.35 -19.63 10.76
C MET D 88 -9.69 -18.59 9.70
N GLY D 89 -8.83 -17.59 9.53
CA GLY D 89 -9.09 -16.59 8.51
C GLY D 89 -9.21 -17.21 7.13
N ILE D 90 -8.27 -18.08 6.77
CA ILE D 90 -8.27 -18.67 5.45
C ILE D 90 -9.43 -19.65 5.29
N MET D 91 -9.72 -20.43 6.33
CA MET D 91 -10.89 -21.31 6.28
C MET D 91 -12.19 -20.53 6.14
N ASN D 92 -12.33 -19.42 6.86
CA ASN D 92 -13.55 -18.64 6.72
C ASN D 92 -13.65 -18.04 5.33
N SER D 93 -12.53 -17.61 4.75
CA SER D 93 -12.55 -17.14 3.37
C SER D 93 -12.98 -18.25 2.42
N PHE D 94 -12.43 -19.45 2.63
CA PHE D 94 -12.83 -20.60 1.82
C PHE D 94 -14.32 -20.86 1.92
N ILE D 95 -14.84 -20.93 3.14
CA ILE D 95 -16.27 -21.20 3.31
C ILE D 95 -17.10 -20.11 2.63
N ASN D 96 -16.72 -18.85 2.87
CA ASN D 96 -17.52 -17.75 2.36
C ASN D 96 -17.54 -17.73 0.83
N ASP D 97 -16.37 -17.91 0.21
CA ASP D 97 -16.39 -17.79 -1.25
C ASP D 97 -16.95 -19.05 -1.91
N ILE D 98 -16.83 -20.22 -1.29
CA ILE D 98 -17.52 -21.38 -1.85
C ILE D 98 -19.03 -21.20 -1.74
N PHE D 99 -19.50 -20.68 -0.59
CA PHE D 99 -20.90 -20.30 -0.46
C PHE D 99 -21.31 -19.36 -1.57
N GLU D 100 -20.50 -18.33 -1.81
CA GLU D 100 -20.82 -17.35 -2.84
C GLU D 100 -20.89 -18.00 -4.22
N LYS D 101 -19.94 -18.87 -4.54
CA LYS D 101 -19.91 -19.49 -5.85
C LYS D 101 -21.13 -20.38 -6.06
N LEU D 102 -21.44 -21.22 -5.07
CA LEU D 102 -22.63 -22.06 -5.17
C LEU D 102 -23.88 -21.22 -5.34
N ALA D 103 -24.04 -20.18 -4.51
CA ALA D 103 -25.24 -19.37 -4.57
C ALA D 103 -25.36 -18.67 -5.92
N SER D 104 -24.25 -18.13 -6.42
CA SER D 104 -24.29 -17.41 -7.68
C SER D 104 -24.60 -18.34 -8.84
N GLU D 105 -23.96 -19.52 -8.88
CA GLU D 105 -24.25 -20.47 -9.94
C GLU D 105 -25.71 -20.91 -9.91
N SER D 106 -26.22 -21.19 -8.71
CA SER D 106 -27.63 -21.57 -8.59
C SER D 106 -28.55 -20.45 -9.06
N SER D 107 -28.25 -19.22 -8.65
CA SER D 107 -29.10 -18.09 -9.03
C SER D 107 -29.08 -17.88 -10.52
N LYS D 108 -27.89 -17.92 -11.13
CA LYS D 108 -27.80 -17.74 -12.57
C LYS D 108 -28.54 -18.85 -13.31
N LEU D 109 -28.41 -20.09 -12.85
CA LEU D 109 -29.09 -21.18 -13.52
C LEU D 109 -30.60 -21.08 -13.37
N ALA D 110 -31.07 -20.58 -12.21
CA ALA D 110 -32.49 -20.32 -12.04
C ALA D 110 -32.96 -19.21 -12.97
N ARG D 111 -32.12 -18.21 -13.20
CA ARG D 111 -32.43 -17.21 -14.21
C ARG D 111 -32.52 -17.85 -15.59
N TYR D 112 -31.63 -18.79 -15.87
CA TYR D 112 -31.61 -19.43 -17.19
C TYR D 112 -32.85 -20.27 -17.43
N ASN D 113 -33.29 -21.03 -16.44
CA ASN D 113 -34.42 -21.93 -16.63
C ASN D 113 -35.76 -21.26 -16.39
N LYS D 114 -35.77 -19.94 -16.20
CA LYS D 114 -37.01 -19.17 -16.02
C LYS D 114 -37.86 -19.72 -14.88
N LYS D 115 -37.20 -20.09 -13.78
CA LYS D 115 -37.87 -20.62 -12.61
C LYS D 115 -37.80 -19.59 -11.50
N PRO D 116 -38.94 -19.08 -11.00
CA PRO D 116 -38.89 -18.06 -9.94
C PRO D 116 -38.46 -18.59 -8.58
N THR D 117 -38.12 -19.88 -8.48
CA THR D 117 -37.78 -20.50 -7.21
C THR D 117 -36.39 -21.14 -7.29
N ILE D 118 -35.67 -21.10 -6.18
CA ILE D 118 -34.46 -21.90 -6.00
C ILE D 118 -34.70 -22.87 -4.85
N THR D 119 -34.43 -24.15 -5.09
CA THR D 119 -34.64 -25.16 -4.08
C THR D 119 -33.54 -26.22 -4.20
N SER D 120 -33.73 -27.30 -3.43
CA SER D 120 -32.69 -28.31 -3.30
C SER D 120 -32.31 -28.89 -4.65
N ARG D 121 -33.27 -29.08 -5.55
CA ARG D 121 -32.98 -29.78 -6.80
C ARG D 121 -31.99 -28.99 -7.65
N GLU D 122 -32.28 -27.71 -7.89
CA GLU D 122 -31.30 -26.88 -8.58
C GLU D 122 -30.04 -26.69 -7.76
N ILE D 123 -30.08 -26.83 -6.44
CA ILE D 123 -28.83 -26.80 -5.70
C ILE D 123 -27.98 -28.03 -6.01
N GLN D 124 -28.60 -29.21 -6.10
CA GLN D 124 -27.80 -30.38 -6.48
C GLN D 124 -27.19 -30.19 -7.86
N THR D 125 -27.96 -29.68 -8.81
CA THR D 125 -27.37 -29.55 -10.14
C THR D 125 -26.27 -28.49 -10.16
N ALA D 126 -26.42 -27.41 -9.37
CA ALA D 126 -25.36 -26.42 -9.27
C ALA D 126 -24.11 -27.02 -8.63
N VAL D 127 -24.30 -27.79 -7.56
CA VAL D 127 -23.18 -28.46 -6.92
C VAL D 127 -22.46 -29.35 -7.92
N ARG D 128 -23.23 -30.10 -8.70
CA ARG D 128 -22.62 -30.97 -9.69
C ARG D 128 -21.83 -30.17 -10.72
N LEU D 129 -22.36 -29.03 -11.15
CA LEU D 129 -21.67 -28.30 -12.20
C LEU D 129 -20.44 -27.57 -11.68
N VAL D 130 -20.36 -27.28 -10.39
CA VAL D 130 -19.24 -26.47 -9.92
C VAL D 130 -18.17 -27.31 -9.21
N LEU D 131 -18.58 -28.34 -8.47
CA LEU D 131 -17.64 -29.15 -7.72
C LEU D 131 -16.84 -30.08 -8.63
N PRO D 132 -15.64 -30.47 -8.21
CA PRO D 132 -14.91 -31.53 -8.93
C PRO D 132 -15.62 -32.86 -8.79
N GLY D 133 -15.27 -33.79 -9.68
CA GLY D 133 -16.00 -35.03 -9.83
C GLY D 133 -16.16 -35.92 -8.61
N GLU D 134 -15.04 -36.40 -8.06
CA GLU D 134 -15.11 -37.33 -6.94
C GLU D 134 -15.74 -36.68 -5.72
N LEU D 135 -15.26 -35.50 -5.36
CA LEU D 135 -15.80 -34.80 -4.21
C LEU D 135 -17.27 -34.46 -4.45
N ALA D 136 -17.67 -34.32 -5.71
CA ALA D 136 -19.05 -34.01 -6.04
C ALA D 136 -19.95 -35.23 -5.86
N LYS D 137 -19.49 -36.41 -6.25
CA LYS D 137 -20.34 -37.58 -6.02
C LYS D 137 -20.44 -37.84 -4.52
N HIS D 138 -19.35 -37.62 -3.79
CA HIS D 138 -19.44 -37.72 -2.33
C HIS D 138 -20.44 -36.72 -1.78
N ALA D 139 -20.39 -35.48 -2.28
CA ALA D 139 -21.29 -34.44 -1.81
C ALA D 139 -22.74 -34.78 -2.12
N VAL D 140 -23.01 -35.28 -3.32
CA VAL D 140 -24.39 -35.56 -3.68
C VAL D 140 -24.93 -36.72 -2.84
N SER D 141 -24.07 -37.71 -2.55
CA SER D 141 -24.49 -38.79 -1.67
C SER D 141 -24.84 -38.26 -0.28
N GLU D 142 -23.91 -37.51 0.33
CA GLU D 142 -24.15 -37.08 1.71
C GLU D 142 -25.30 -36.10 1.77
N GLY D 143 -25.49 -35.29 0.72
CA GLY D 143 -26.59 -34.35 0.72
C GLY D 143 -27.92 -35.01 0.49
N THR D 144 -27.95 -36.08 -0.31
CA THR D 144 -29.17 -36.87 -0.42
C THR D 144 -29.54 -37.47 0.93
N LYS D 145 -28.54 -37.99 1.65
CA LYS D 145 -28.80 -38.49 3.00
C LYS D 145 -29.34 -37.39 3.90
N ALA D 146 -28.73 -36.19 3.82
CA ALA D 146 -29.16 -35.09 4.66
C ALA D 146 -30.57 -34.64 4.33
N VAL D 147 -30.92 -34.56 3.04
CA VAL D 147 -32.24 -34.09 2.68
C VAL D 147 -33.29 -35.14 3.04
N THR D 148 -32.94 -36.43 2.96
CA THR D 148 -33.83 -37.46 3.47
C THR D 148 -34.05 -37.29 4.97
N LYS D 149 -32.97 -37.01 5.71
CA LYS D 149 -33.11 -36.80 7.15
C LYS D 149 -33.99 -35.59 7.45
N PHE D 150 -33.82 -34.51 6.71
CA PHE D 150 -34.63 -33.31 6.94
C PHE D 150 -36.10 -33.55 6.57
N THR D 151 -36.34 -34.31 5.50
CA THR D 151 -37.70 -34.65 5.13
C THR D 151 -38.35 -35.50 6.22
N SER D 152 -37.59 -36.43 6.80
CA SER D 152 -38.10 -37.18 7.94
C SER D 152 -38.40 -36.26 9.11
N SER D 153 -37.52 -35.28 9.36
CA SER D 153 -37.72 -34.27 10.39
C SER D 153 -37.96 -34.89 11.77
N GLU E 63 6.72 -15.18 4.08
CA GLU E 63 7.48 -13.96 4.37
C GLU E 63 7.67 -13.12 3.12
N LEU E 64 7.53 -11.80 3.27
CA LEU E 64 7.68 -10.89 2.14
C LEU E 64 9.10 -10.96 1.58
N LEU E 65 9.20 -10.90 0.27
CA LEU E 65 10.48 -11.07 -0.42
C LEU E 65 10.96 -9.81 -1.11
N ILE E 66 10.06 -9.01 -1.65
CA ILE E 66 10.41 -7.73 -2.25
C ILE E 66 10.29 -6.65 -1.18
N ARG E 67 11.21 -5.70 -1.19
CA ARG E 67 11.27 -4.71 -0.13
C ARG E 67 10.05 -3.81 -0.18
N LYS E 68 9.44 -3.59 0.99
CA LYS E 68 8.11 -2.98 1.04
C LYS E 68 8.14 -1.52 0.58
N LEU E 69 9.16 -0.78 0.96
CA LEU E 69 9.18 0.64 0.64
C LEU E 69 9.47 0.86 -0.85
N PRO E 70 10.42 0.13 -1.43
CA PRO E 70 10.52 0.16 -2.90
C PRO E 70 9.23 -0.25 -3.59
N PHE E 71 8.55 -1.27 -3.07
CA PHE E 71 7.31 -1.67 -3.71
C PHE E 71 6.26 -0.58 -3.61
N GLN E 72 6.21 0.14 -2.48
CA GLN E 72 5.21 1.18 -2.36
C GLN E 72 5.55 2.34 -3.28
N ARG E 73 6.84 2.66 -3.49
CA ARG E 73 7.14 3.65 -4.52
C ARG E 73 6.67 3.18 -5.88
N LEU E 74 6.94 1.91 -6.22
CA LEU E 74 6.50 1.38 -7.50
C LEU E 74 5.00 1.56 -7.69
N VAL E 75 4.23 1.09 -6.71
CA VAL E 75 2.78 1.11 -6.86
C VAL E 75 2.26 2.53 -6.88
N ARG E 76 2.76 3.40 -6.00
CA ARG E 76 2.33 4.78 -5.98
C ARG E 76 2.58 5.44 -7.33
N GLU E 77 3.80 5.31 -7.85
CA GLU E 77 4.16 6.02 -9.07
C GLU E 77 3.37 5.51 -10.26
N ILE E 78 3.28 4.18 -10.41
CA ILE E 78 2.53 3.63 -11.53
C ILE E 78 1.07 4.02 -11.44
N ALA E 79 0.46 3.88 -10.25
CA ALA E 79 -0.96 4.21 -10.11
C ALA E 79 -1.21 5.68 -10.40
N GLN E 80 -0.31 6.56 -9.95
CA GLN E 80 -0.43 7.96 -10.28
C GLN E 80 -0.39 8.17 -11.78
N ASP E 81 0.49 7.45 -12.48
CA ASP E 81 0.54 7.55 -13.93
C ASP E 81 -0.82 7.21 -14.55
N PHE E 82 -1.43 6.12 -14.12
CA PHE E 82 -2.64 5.64 -14.79
C PHE E 82 -3.80 6.60 -14.60
N LYS E 83 -3.98 7.11 -13.39
CA LYS E 83 -5.11 7.99 -13.11
C LYS E 83 -4.79 8.76 -11.85
N THR E 84 -5.36 9.96 -11.74
CA THR E 84 -4.94 10.92 -10.73
C THR E 84 -5.71 10.73 -9.42
N ASP E 85 -5.19 11.38 -8.38
CA ASP E 85 -5.87 11.56 -7.09
C ASP E 85 -6.23 10.20 -6.47
N LEU E 86 -5.17 9.46 -6.13
CA LEU E 86 -5.30 8.13 -5.55
C LEU E 86 -4.57 8.06 -4.23
N ARG E 87 -4.94 7.09 -3.40
CA ARG E 87 -4.35 6.92 -2.09
C ARG E 87 -4.52 5.48 -1.66
N PHE E 88 -3.45 4.88 -1.15
CA PHE E 88 -3.43 3.49 -0.73
C PHE E 88 -3.25 3.41 0.78
N GLN E 89 -3.07 2.19 1.29
CA GLN E 89 -2.82 1.99 2.71
C GLN E 89 -1.94 0.76 2.87
N SER E 90 -1.65 0.43 4.13
CA SER E 90 -0.80 -0.72 4.41
C SER E 90 -1.41 -2.01 3.87
N SER E 91 -2.72 -2.20 4.08
CA SER E 91 -3.35 -3.43 3.62
C SER E 91 -3.34 -3.52 2.10
N ALA E 92 -3.61 -2.41 1.42
CA ALA E 92 -3.59 -2.42 -0.04
C ALA E 92 -2.18 -2.71 -0.56
N VAL E 93 -1.17 -2.09 0.05
CA VAL E 93 0.20 -2.35 -0.37
C VAL E 93 0.54 -3.82 -0.16
N ALA E 94 0.14 -4.39 0.98
CA ALA E 94 0.44 -5.79 1.26
C ALA E 94 -0.24 -6.71 0.26
N ALA E 95 -1.50 -6.43 -0.07
CA ALA E 95 -2.20 -7.26 -1.04
C ALA E 95 -1.53 -7.18 -2.41
N LEU E 96 -1.15 -5.97 -2.82
CA LEU E 96 -0.44 -5.83 -4.09
C LEU E 96 0.87 -6.59 -4.07
N GLN E 97 1.60 -6.53 -2.96
CA GLN E 97 2.85 -7.26 -2.83
C GLN E 97 2.62 -8.75 -3.00
N GLU E 98 1.60 -9.29 -2.32
CA GLU E 98 1.33 -10.71 -2.43
C GLU E 98 0.98 -11.08 -3.87
N ALA E 99 0.15 -10.26 -4.53
CA ALA E 99 -0.23 -10.56 -5.90
C ALA E 99 0.98 -10.54 -6.82
N ALA E 100 1.85 -9.55 -6.66
CA ALA E 100 3.04 -9.47 -7.51
C ALA E 100 3.94 -10.67 -7.29
N GLU E 101 4.15 -11.05 -6.03
CA GLU E 101 4.97 -12.21 -5.75
C GLU E 101 4.37 -13.45 -6.39
N ALA E 102 3.05 -13.61 -6.30
CA ALA E 102 2.40 -14.77 -6.87
C ALA E 102 2.57 -14.81 -8.38
N TYR E 103 2.32 -13.69 -9.05
CA TYR E 103 2.44 -13.67 -10.50
C TYR E 103 3.87 -13.93 -10.94
N LEU E 104 4.84 -13.32 -10.26
CA LEU E 104 6.22 -13.52 -10.62
C LEU E 104 6.65 -14.96 -10.42
N VAL E 105 6.25 -15.57 -9.30
CA VAL E 105 6.67 -16.94 -9.07
C VAL E 105 5.99 -17.87 -10.07
N GLY E 106 4.74 -17.57 -10.45
CA GLY E 106 4.08 -18.39 -11.44
C GLY E 106 4.76 -18.31 -12.79
N LEU E 107 5.09 -17.10 -13.23
CA LEU E 107 5.79 -16.97 -14.49
C LEU E 107 7.16 -17.61 -14.43
N PHE E 108 7.83 -17.50 -13.28
CA PHE E 108 9.15 -18.11 -13.15
C PHE E 108 9.08 -19.62 -13.24
N GLU E 109 8.11 -20.24 -12.57
CA GLU E 109 8.01 -21.70 -12.69
C GLU E 109 7.62 -22.10 -14.11
N ASP E 110 6.76 -21.31 -14.75
CA ASP E 110 6.41 -21.60 -16.14
C ASP E 110 7.66 -21.56 -17.02
N THR E 111 8.49 -20.53 -16.86
CA THR E 111 9.65 -20.42 -17.73
C THR E 111 10.72 -21.43 -17.36
N ASN E 112 10.76 -21.86 -16.11
CA ASN E 112 11.67 -22.94 -15.74
C ASN E 112 11.27 -24.23 -16.45
N LEU E 113 9.98 -24.55 -16.47
CA LEU E 113 9.53 -25.71 -17.23
C LEU E 113 9.83 -25.56 -18.72
N CYS E 114 9.61 -24.37 -19.26
CA CYS E 114 9.95 -24.13 -20.66
C CYS E 114 11.43 -24.39 -20.92
N ALA E 115 12.30 -23.87 -20.05
CA ALA E 115 13.73 -24.01 -20.26
C ALA E 115 14.16 -25.47 -20.17
N ILE E 116 13.65 -26.19 -19.16
CA ILE E 116 14.03 -27.59 -19.03
C ILE E 116 13.51 -28.39 -20.22
N HIS E 117 12.38 -27.98 -20.79
CA HIS E 117 11.96 -28.57 -22.06
C HIS E 117 12.94 -28.23 -23.17
N ALA E 118 13.54 -27.05 -23.12
CA ALA E 118 14.47 -26.62 -24.16
C ALA E 118 15.84 -27.27 -24.05
N LYS E 119 15.98 -28.34 -23.26
CA LYS E 119 17.23 -29.08 -23.13
C LYS E 119 18.34 -28.18 -22.58
N ARG E 120 17.95 -27.06 -21.98
CA ARG E 120 18.86 -26.01 -21.58
C ARG E 120 18.54 -25.56 -20.15
N VAL E 121 19.58 -25.09 -19.46
CA VAL E 121 19.46 -24.75 -18.04
C VAL E 121 19.45 -23.24 -17.80
N THR E 122 19.96 -22.44 -18.72
CA THR E 122 19.98 -20.99 -18.57
C THR E 122 18.72 -20.41 -19.19
N ILE E 123 17.99 -19.59 -18.43
CA ILE E 123 16.73 -19.01 -18.88
C ILE E 123 16.99 -17.67 -19.54
N MET E 124 16.27 -17.39 -20.62
CA MET E 124 16.38 -16.14 -21.35
C MET E 124 15.02 -15.51 -21.62
N PRO E 125 15.00 -14.21 -21.89
CA PRO E 125 13.73 -13.53 -22.14
C PRO E 125 12.95 -14.09 -23.31
N LYS E 126 13.57 -14.80 -24.25
CA LYS E 126 12.75 -15.43 -25.27
C LYS E 126 11.93 -16.57 -24.66
N ASP E 127 12.49 -17.27 -23.67
CA ASP E 127 11.69 -18.23 -22.91
C ASP E 127 10.59 -17.52 -22.14
N ILE E 128 10.94 -16.41 -21.49
CA ILE E 128 9.93 -15.64 -20.76
C ILE E 128 8.79 -15.25 -21.70
N GLN E 129 9.15 -14.74 -22.88
CA GLN E 129 8.16 -14.28 -23.84
C GLN E 129 7.34 -15.43 -24.39
N LEU E 130 7.94 -16.62 -24.55
CA LEU E 130 7.16 -17.79 -24.93
C LEU E 130 6.07 -18.04 -23.90
N ALA E 131 6.44 -18.10 -22.63
CA ALA E 131 5.42 -18.33 -21.59
C ALA E 131 4.37 -17.23 -21.61
N ARG E 132 4.82 -15.99 -21.77
CA ARG E 132 3.89 -14.87 -21.88
C ARG E 132 2.91 -15.07 -23.02
N ARG E 133 3.39 -15.57 -24.15
CA ARG E 133 2.52 -15.74 -25.31
C ARG E 133 1.47 -16.82 -25.06
N ILE E 134 1.89 -17.96 -24.49
CA ILE E 134 0.87 -18.98 -24.22
C ILE E 134 -0.16 -18.48 -23.21
N ARG E 135 0.27 -17.72 -22.19
CA ARG E 135 -0.72 -17.16 -21.28
C ARG E 135 -1.61 -16.11 -21.94
N GLY E 136 -1.06 -15.26 -22.80
CA GLY E 136 -1.86 -14.41 -23.66
C GLY E 136 -2.32 -13.09 -23.07
N GLU E 137 -1.81 -12.68 -21.90
CA GLU E 137 -2.25 -11.43 -21.30
C GLU E 137 -1.45 -10.23 -21.79
N ARG E 138 -0.82 -10.35 -22.96
CA ARG E 138 -0.08 -9.23 -23.52
C ARG E 138 -1.05 -8.09 -23.84
N ALA E 139 -0.72 -6.90 -23.39
CA ALA E 139 -1.61 -5.75 -23.54
C ALA E 139 -1.40 -5.06 -24.88
N ARG F 23 22.01 19.48 -6.05
CA ARG F 23 21.67 19.13 -7.42
C ARG F 23 20.35 18.38 -7.45
N LYS F 24 19.54 18.60 -8.48
CA LYS F 24 18.27 17.90 -8.58
C LYS F 24 18.50 16.41 -8.84
N VAL F 25 17.66 15.59 -8.21
CA VAL F 25 17.78 14.13 -8.30
C VAL F 25 16.39 13.51 -8.38
N LEU F 26 16.27 12.47 -9.20
CA LEU F 26 15.01 11.71 -9.29
C LEU F 26 15.40 10.29 -9.71
N ARG F 27 15.32 9.35 -8.76
CA ARG F 27 15.84 8.01 -9.01
C ARG F 27 14.96 7.24 -9.99
N ASP F 28 15.40 6.06 -10.41
CA ASP F 28 14.76 5.34 -11.49
C ASP F 28 13.47 4.64 -11.05
N ASN F 29 13.38 4.28 -9.78
CA ASN F 29 12.17 3.69 -9.21
C ASN F 29 11.86 2.34 -9.85
N ILE F 30 11.55 2.34 -11.15
CA ILE F 30 11.09 1.12 -11.82
C ILE F 30 12.12 0.01 -11.70
N GLN F 31 13.41 0.35 -11.62
CA GLN F 31 14.43 -0.65 -11.39
C GLN F 31 14.64 -0.93 -9.90
N GLY F 32 13.85 -0.33 -9.03
CA GLY F 32 14.03 -0.49 -7.59
C GLY F 32 13.97 -1.93 -7.12
N ILE F 33 13.37 -2.81 -7.90
CA ILE F 33 13.43 -4.24 -7.64
C ILE F 33 14.86 -4.67 -7.91
N THR F 34 15.62 -4.91 -6.84
CA THR F 34 17.06 -5.07 -6.94
C THR F 34 17.42 -6.39 -7.60
N LYS F 35 18.61 -6.42 -8.20
CA LYS F 35 19.12 -7.63 -8.83
C LYS F 35 19.06 -8.86 -7.91
N PRO F 36 19.45 -8.78 -6.63
CA PRO F 36 19.18 -9.93 -5.75
C PRO F 36 17.70 -10.18 -5.53
N ALA F 37 16.85 -9.16 -5.62
CA ALA F 37 15.42 -9.42 -5.51
C ALA F 37 14.96 -10.36 -6.60
N ILE F 38 15.34 -10.09 -7.85
CA ILE F 38 15.04 -11.03 -8.92
C ILE F 38 15.69 -12.37 -8.64
N ARG F 39 16.93 -12.38 -8.14
CA ARG F 39 17.59 -13.66 -7.92
C ARG F 39 16.80 -14.54 -6.96
N ARG F 40 16.44 -14.02 -5.79
CA ARG F 40 15.74 -14.97 -4.93
C ARG F 40 14.26 -15.11 -5.25
N LEU F 41 13.66 -14.19 -6.03
CA LEU F 41 12.37 -14.53 -6.63
C LEU F 41 12.48 -15.79 -7.48
N ALA F 42 13.47 -15.82 -8.37
CA ALA F 42 13.66 -17.01 -9.21
C ALA F 42 14.01 -18.23 -8.36
N ARG F 43 14.85 -18.04 -7.34
CA ARG F 43 15.25 -19.17 -6.51
C ARG F 43 14.06 -19.77 -5.77
N ARG F 44 13.18 -18.92 -5.23
CA ARG F 44 11.93 -19.41 -4.68
C ARG F 44 11.10 -20.08 -5.76
N GLY F 45 11.20 -19.60 -6.99
CA GLY F 45 10.53 -20.23 -8.10
C GLY F 45 11.17 -21.51 -8.60
N GLY F 46 12.30 -21.89 -8.04
CA GLY F 46 12.96 -23.12 -8.43
C GLY F 46 13.87 -23.01 -9.62
N VAL F 47 14.01 -21.83 -10.22
CA VAL F 47 14.95 -21.64 -11.32
C VAL F 47 16.36 -21.72 -10.77
N LYS F 48 17.24 -22.40 -11.50
CA LYS F 48 18.62 -22.59 -11.07
C LYS F 48 19.60 -21.64 -11.75
N ARG F 49 19.52 -21.49 -13.07
CA ARG F 49 20.52 -20.73 -13.82
C ARG F 49 19.81 -19.65 -14.62
N ILE F 50 20.24 -18.40 -14.45
CA ILE F 50 19.56 -17.25 -15.03
C ILE F 50 20.54 -16.47 -15.90
N SER F 51 19.99 -15.70 -16.82
CA SER F 51 20.76 -14.85 -17.72
C SER F 51 20.52 -13.39 -17.39
N GLY F 52 21.09 -12.52 -18.22
CA GLY F 52 21.11 -11.10 -17.93
C GLY F 52 19.84 -10.35 -18.24
N LEU F 53 19.34 -10.47 -19.47
CA LEU F 53 18.18 -9.69 -19.88
C LEU F 53 16.91 -10.14 -19.18
N ILE F 54 16.96 -11.27 -18.46
CA ILE F 54 15.89 -11.65 -17.55
C ILE F 54 15.50 -10.47 -16.67
N TYR F 55 16.47 -9.65 -16.27
CA TYR F 55 16.19 -8.58 -15.33
C TYR F 55 15.25 -7.54 -15.93
N GLU F 56 15.62 -6.99 -17.09
CA GLU F 56 14.77 -6.00 -17.73
C GLU F 56 13.44 -6.62 -18.14
N GLU F 57 13.47 -7.87 -18.60
CA GLU F 57 12.22 -8.53 -18.97
C GLU F 57 11.30 -8.65 -17.76
N THR F 58 11.87 -8.91 -16.58
CA THR F 58 11.07 -8.98 -15.37
C THR F 58 10.54 -7.63 -14.96
N ARG F 59 11.33 -6.55 -15.13
CA ARG F 59 10.73 -5.23 -15.01
C ARG F 59 9.50 -5.09 -15.87
N GLY F 60 9.61 -5.49 -17.14
CA GLY F 60 8.46 -5.36 -18.03
C GLY F 60 7.27 -6.17 -17.57
N VAL F 61 7.52 -7.41 -17.17
CA VAL F 61 6.44 -8.30 -16.74
C VAL F 61 5.76 -7.75 -15.49
N LEU F 62 6.54 -7.35 -14.50
CA LEU F 62 5.94 -6.79 -13.29
C LEU F 62 5.14 -5.55 -13.61
N LYS F 63 5.68 -4.68 -14.45
CA LYS F 63 4.96 -3.47 -14.82
C LYS F 63 3.61 -3.80 -15.43
N ILE F 64 3.61 -4.64 -16.46
CA ILE F 64 2.38 -4.92 -17.19
C ILE F 64 1.37 -5.61 -16.28
N PHE F 65 1.83 -6.58 -15.48
CA PHE F 65 0.93 -7.20 -14.53
C PHE F 65 0.38 -6.17 -13.54
N LEU F 66 1.15 -5.12 -13.28
CA LEU F 66 0.69 -4.14 -12.31
C LEU F 66 -0.43 -3.28 -12.88
N GLU F 67 -0.31 -2.81 -14.13
CA GLU F 67 -1.35 -1.87 -14.59
C GLU F 67 -2.73 -2.53 -14.62
N ASN F 68 -2.80 -3.81 -14.92
CA ASN F 68 -4.12 -4.45 -15.03
C ASN F 68 -4.86 -4.38 -13.70
N VAL F 69 -4.21 -4.83 -12.64
CA VAL F 69 -4.85 -4.79 -11.33
C VAL F 69 -5.03 -3.34 -10.88
N ILE F 70 -4.13 -2.45 -11.28
CA ILE F 70 -4.30 -1.05 -10.90
C ILE F 70 -5.53 -0.46 -11.56
N ARG F 71 -5.76 -0.80 -12.82
CA ARG F 71 -6.94 -0.33 -13.53
C ARG F 71 -8.21 -0.86 -12.87
N ASP F 72 -8.22 -2.16 -12.53
CA ASP F 72 -9.40 -2.69 -11.86
C ASP F 72 -9.63 -1.99 -10.52
N ALA F 73 -8.55 -1.78 -9.76
CA ALA F 73 -8.68 -1.15 -8.46
C ALA F 73 -9.18 0.28 -8.58
N VAL F 74 -8.68 1.02 -9.56
CA VAL F 74 -9.12 2.40 -9.70
C VAL F 74 -10.56 2.44 -10.17
N THR F 75 -10.97 1.47 -10.98
CA THR F 75 -12.38 1.39 -11.36
C THR F 75 -13.26 1.23 -10.13
N TYR F 76 -12.91 0.30 -9.24
CA TYR F 76 -13.69 0.15 -8.02
C TYR F 76 -13.60 1.36 -7.11
N THR F 77 -12.45 2.02 -7.04
CA THR F 77 -12.37 3.22 -6.20
C THR F 77 -13.28 4.31 -6.73
N GLU F 78 -13.32 4.48 -8.06
CA GLU F 78 -14.24 5.45 -8.64
C GLU F 78 -15.68 5.08 -8.34
N HIS F 79 -16.01 3.79 -8.47
CA HIS F 79 -17.37 3.34 -8.19
C HIS F 79 -17.76 3.58 -6.74
N ALA F 80 -16.82 3.41 -5.83
CA ALA F 80 -17.08 3.56 -4.40
C ALA F 80 -17.13 5.02 -3.96
N ARG F 81 -17.07 5.96 -4.88
CA ARG F 81 -17.12 7.40 -4.61
C ARG F 81 -15.93 7.89 -3.80
N ARG F 82 -14.91 7.05 -3.62
CA ARG F 82 -13.77 7.38 -2.79
C ARG F 82 -12.52 7.48 -3.65
N LYS F 83 -11.66 8.45 -3.33
CA LYS F 83 -10.37 8.60 -4.01
C LYS F 83 -9.23 8.06 -3.16
N THR F 84 -9.50 7.03 -2.37
CA THR F 84 -8.48 6.22 -1.72
C THR F 84 -8.75 4.76 -2.05
N VAL F 85 -7.69 3.98 -2.09
CA VAL F 85 -7.80 2.55 -2.36
C VAL F 85 -8.08 1.83 -1.06
N THR F 86 -8.77 0.69 -1.15
CA THR F 86 -9.06 -0.13 0.02
C THR F 86 -8.79 -1.59 -0.31
N ALA F 87 -8.49 -2.36 0.75
CA ALA F 87 -8.16 -3.77 0.56
C ALA F 87 -9.31 -4.55 -0.02
N MET F 88 -10.55 -4.19 0.34
CA MET F 88 -11.70 -4.86 -0.24
C MET F 88 -11.73 -4.69 -1.75
N ASP F 89 -11.53 -3.45 -2.21
CA ASP F 89 -11.48 -3.21 -3.65
C ASP F 89 -10.31 -3.95 -4.29
N VAL F 90 -9.17 -3.98 -3.61
CA VAL F 90 -8.02 -4.69 -4.15
C VAL F 90 -8.36 -6.16 -4.35
N VAL F 91 -8.91 -6.81 -3.33
CA VAL F 91 -9.15 -8.25 -3.43
C VAL F 91 -10.24 -8.52 -4.46
N TYR F 92 -11.23 -7.64 -4.55
CA TYR F 92 -12.22 -7.80 -5.61
C TYR F 92 -11.57 -7.69 -6.98
N ALA F 93 -10.61 -6.78 -7.14
CA ALA F 93 -9.91 -6.64 -8.41
C ALA F 93 -9.16 -7.91 -8.75
N LEU F 94 -8.36 -8.42 -7.81
CA LEU F 94 -7.66 -9.68 -8.06
C LEU F 94 -8.62 -10.80 -8.42
N LYS F 95 -9.80 -10.82 -7.78
CA LYS F 95 -10.80 -11.79 -8.19
C LYS F 95 -11.21 -11.58 -9.64
N ARG F 96 -11.41 -10.32 -10.03
CA ARG F 96 -11.85 -10.03 -11.39
C ARG F 96 -10.82 -10.46 -12.42
N GLN F 97 -9.55 -10.20 -12.16
CA GLN F 97 -8.55 -10.68 -13.10
C GLN F 97 -8.39 -12.19 -13.05
N GLY F 98 -9.02 -12.86 -12.09
CA GLY F 98 -9.16 -14.29 -12.12
C GLY F 98 -8.11 -15.05 -11.35
N ARG F 99 -7.71 -14.51 -10.20
CA ARG F 99 -6.74 -15.18 -9.34
C ARG F 99 -7.13 -14.90 -7.89
N THR F 100 -7.65 -15.92 -7.22
CA THR F 100 -8.21 -15.72 -5.89
C THR F 100 -7.10 -15.59 -4.86
N LEU F 101 -7.14 -14.51 -4.10
CA LEU F 101 -6.22 -14.27 -2.99
C LEU F 101 -7.00 -14.34 -1.69
N TYR F 102 -6.51 -15.12 -0.74
CA TYR F 102 -7.23 -15.37 0.50
C TYR F 102 -6.42 -14.88 1.69
N GLY F 103 -7.03 -14.96 2.86
CA GLY F 103 -6.39 -14.58 4.10
C GLY F 103 -6.53 -13.12 4.46
N PHE F 104 -7.10 -12.28 3.58
CA PHE F 104 -7.29 -10.87 3.85
C PHE F 104 -8.75 -10.51 4.04
N GLY F 105 -9.63 -11.51 4.21
CA GLY F 105 -11.04 -11.25 4.39
C GLY F 105 -11.84 -11.05 3.12
N GLY F 106 -11.22 -11.25 1.96
CA GLY F 106 -11.93 -11.09 0.70
C GLY F 106 -12.35 -12.40 0.07
N LEU G 36 -34.64 7.79 -30.23
CA LEU G 36 -34.19 6.48 -29.76
C LEU G 36 -33.75 5.59 -30.92
N GLN G 37 -32.71 4.81 -30.69
CA GLN G 37 -32.18 3.89 -31.70
C GLN G 37 -32.41 2.43 -31.32
N PHE G 38 -32.05 2.05 -30.10
CA PHE G 38 -32.47 0.74 -29.62
C PHE G 38 -33.72 0.84 -28.75
N PRO G 39 -34.48 -0.25 -28.66
CA PRO G 39 -35.77 -0.21 -27.97
C PRO G 39 -35.63 -0.12 -26.47
N VAL G 40 -35.58 1.10 -25.95
CA VAL G 40 -35.42 1.28 -24.51
C VAL G 40 -36.52 0.55 -23.74
N GLY G 41 -37.76 0.61 -24.23
CA GLY G 41 -38.84 -0.06 -23.53
C GLY G 41 -38.64 -1.55 -23.42
N ARG G 42 -38.31 -2.20 -24.55
CA ARG G 42 -38.18 -3.65 -24.50
C ARG G 42 -36.91 -4.07 -23.76
N ILE G 43 -35.82 -3.30 -23.86
CA ILE G 43 -34.64 -3.68 -23.09
C ILE G 43 -34.92 -3.54 -21.61
N THR G 44 -35.68 -2.53 -21.20
CA THR G 44 -36.15 -2.47 -19.82
C THR G 44 -37.02 -3.67 -19.50
N ARG G 45 -37.78 -4.17 -20.47
CA ARG G 45 -38.56 -5.36 -20.22
C ARG G 45 -37.68 -6.56 -19.88
N PHE G 46 -36.60 -6.77 -20.66
CA PHE G 46 -35.68 -7.86 -20.29
C PHE G 46 -34.99 -7.60 -18.97
N LEU G 47 -34.60 -6.35 -18.71
CA LEU G 47 -33.90 -6.05 -17.46
C LEU G 47 -34.80 -6.30 -16.26
N LYS G 48 -36.08 -5.97 -16.38
CA LYS G 48 -37.04 -6.34 -15.34
C LYS G 48 -37.16 -7.86 -15.24
N LYS G 49 -37.18 -8.54 -16.38
CA LYS G 49 -37.26 -10.00 -16.38
C LYS G 49 -36.11 -10.60 -15.58
N GLY G 50 -34.90 -10.07 -15.74
CA GLY G 50 -33.80 -10.48 -14.90
C GLY G 50 -34.02 -10.17 -13.44
N ARG G 51 -34.70 -9.06 -13.15
CA ARG G 51 -35.00 -8.63 -11.79
C ARG G 51 -33.72 -8.59 -10.96
N TYR G 52 -32.65 -8.08 -11.57
CA TYR G 52 -31.32 -8.18 -10.98
C TYR G 52 -31.13 -7.28 -9.77
N ALA G 53 -32.06 -6.37 -9.50
CA ALA G 53 -31.97 -5.48 -8.35
C ALA G 53 -33.37 -5.01 -8.00
N GLN G 54 -33.47 -4.05 -7.08
CA GLN G 54 -34.76 -3.46 -6.78
C GLN G 54 -35.35 -2.80 -8.02
N ARG G 55 -34.59 -1.92 -8.66
CA ARG G 55 -34.92 -1.41 -9.98
C ARG G 55 -33.72 -0.62 -10.49
N LEU G 56 -33.59 -0.54 -11.81
CA LEU G 56 -32.44 0.06 -12.47
C LEU G 56 -32.58 1.59 -12.44
N GLY G 57 -31.52 2.28 -12.84
CA GLY G 57 -31.58 3.72 -12.94
C GLY G 57 -32.67 4.18 -13.91
N GLY G 58 -32.97 5.48 -13.82
CA GLY G 58 -33.92 6.05 -14.74
C GLY G 58 -33.35 6.24 -16.13
N GLY G 59 -32.21 6.93 -16.22
CA GLY G 59 -31.51 7.06 -17.48
C GLY G 59 -30.59 5.92 -17.80
N ALA G 60 -30.35 5.04 -16.85
CA ALA G 60 -29.49 3.88 -17.08
C ALA G 60 -29.93 3.03 -18.26
N PRO G 61 -31.23 2.74 -18.46
CA PRO G 61 -31.60 1.97 -19.66
C PRO G 61 -31.23 2.67 -20.97
N VAL G 62 -31.47 3.97 -21.06
CA VAL G 62 -31.10 4.71 -22.25
C VAL G 62 -29.59 4.67 -22.43
N TYR G 63 -28.86 4.86 -21.34
CA TYR G 63 -27.40 4.74 -21.37
C TYR G 63 -26.98 3.40 -21.95
N MET G 64 -27.59 2.33 -21.48
CA MET G 64 -27.10 1.00 -21.83
C MET G 64 -27.50 0.63 -23.25
N ALA G 65 -28.68 1.08 -23.68
CA ALA G 65 -29.01 0.99 -25.10
C ALA G 65 -28.00 1.73 -25.93
N ALA G 66 -27.58 2.91 -25.47
CA ALA G 66 -26.60 3.70 -26.21
C ALA G 66 -25.27 2.98 -26.30
N VAL G 67 -24.84 2.35 -25.21
CA VAL G 67 -23.54 1.67 -25.24
C VAL G 67 -23.61 0.44 -26.14
N LEU G 68 -24.74 -0.26 -26.11
CA LEU G 68 -24.92 -1.36 -27.07
C LEU G 68 -24.87 -0.82 -28.50
N GLU G 69 -25.50 0.32 -28.74
CA GLU G 69 -25.45 0.92 -30.07
C GLU G 69 -24.02 1.25 -30.46
N TYR G 70 -23.25 1.81 -29.54
CA TYR G 70 -21.87 2.15 -29.84
C TYR G 70 -21.07 0.91 -30.21
N LEU G 71 -21.14 -0.13 -29.37
CA LEU G 71 -20.33 -1.31 -29.61
C LEU G 71 -20.74 -2.01 -30.90
N ALA G 72 -22.05 -2.11 -31.13
CA ALA G 72 -22.52 -2.57 -32.43
C ALA G 72 -21.97 -1.69 -33.54
N ALA G 73 -21.82 -0.40 -33.27
CA ALA G 73 -21.34 0.52 -34.28
C ALA G 73 -19.92 0.16 -34.71
N GLU G 74 -19.00 -0.01 -33.75
CA GLU G 74 -17.65 -0.30 -34.24
C GLU G 74 -17.58 -1.70 -34.84
N VAL G 75 -18.27 -2.68 -34.25
CA VAL G 75 -18.13 -4.03 -34.79
C VAL G 75 -18.70 -4.11 -36.20
N LEU G 76 -19.86 -3.50 -36.44
CA LEU G 76 -20.42 -3.47 -37.78
C LEU G 76 -19.61 -2.60 -38.72
N GLU G 77 -19.00 -1.52 -38.21
CA GLU G 77 -18.17 -0.67 -39.04
C GLU G 77 -16.98 -1.45 -39.58
N LEU G 78 -16.30 -2.20 -38.72
CA LEU G 78 -15.17 -2.98 -39.19
C LEU G 78 -15.62 -4.18 -40.01
N ALA G 79 -16.81 -4.72 -39.74
CA ALA G 79 -17.36 -5.74 -40.63
C ALA G 79 -17.55 -5.18 -42.03
N GLY G 80 -18.07 -3.95 -42.12
CA GLY G 80 -18.22 -3.31 -43.41
C GLY G 80 -16.90 -3.00 -44.08
N ASN G 81 -15.89 -2.63 -43.27
CA ASN G 81 -14.55 -2.45 -43.84
C ASN G 81 -14.03 -3.75 -44.44
N ALA G 82 -14.21 -4.87 -43.74
CA ALA G 82 -13.80 -6.16 -44.27
C ALA G 82 -14.56 -6.50 -45.53
N ALA G 83 -15.87 -6.24 -45.54
CA ALA G 83 -16.68 -6.52 -46.73
C ALA G 83 -16.21 -5.69 -47.91
N ARG G 84 -15.94 -4.41 -47.69
CA ARG G 84 -15.38 -3.56 -48.75
C ARG G 84 -14.04 -4.08 -49.21
N ASP G 85 -13.24 -4.64 -48.29
CA ASP G 85 -12.01 -5.29 -48.69
C ASP G 85 -12.28 -6.45 -49.63
N ASN G 86 -13.34 -7.21 -49.35
CA ASN G 86 -13.70 -8.34 -50.20
C ASN G 86 -14.73 -7.99 -51.27
N LYS G 87 -15.41 -6.85 -51.14
CA LYS G 87 -16.37 -6.37 -52.13
C LYS G 87 -17.48 -7.39 -52.38
N LYS G 88 -18.27 -7.62 -51.32
CA LYS G 88 -19.44 -8.48 -51.40
C LYS G 88 -20.63 -7.76 -50.78
N SER G 89 -21.83 -8.08 -51.27
CA SER G 89 -23.04 -7.38 -50.89
C SER G 89 -23.64 -7.86 -49.59
N ARG G 90 -23.20 -9.01 -49.07
CA ARG G 90 -23.69 -9.53 -47.81
C ARG G 90 -22.51 -9.84 -46.90
N ILE G 91 -22.55 -9.33 -45.68
CA ILE G 91 -21.51 -9.62 -44.69
C ILE G 91 -21.78 -11.00 -44.12
N ILE G 92 -20.75 -11.82 -44.02
CA ILE G 92 -20.91 -13.23 -43.64
C ILE G 92 -20.01 -13.50 -42.43
N PRO G 93 -20.24 -14.61 -41.74
CA PRO G 93 -19.41 -14.92 -40.56
C PRO G 93 -17.93 -14.94 -40.85
N ARG G 94 -17.50 -15.29 -42.06
CA ARG G 94 -16.08 -15.21 -42.37
C ARG G 94 -15.59 -13.78 -42.28
N HIS G 95 -16.34 -12.82 -42.81
CA HIS G 95 -15.96 -11.43 -42.66
C HIS G 95 -15.96 -11.02 -41.19
N LEU G 96 -16.95 -11.45 -40.41
CA LEU G 96 -16.95 -11.08 -38.99
C LEU G 96 -15.72 -11.63 -38.28
N LEU G 97 -15.42 -12.91 -38.51
CA LEU G 97 -14.28 -13.53 -37.86
C LEU G 97 -12.99 -12.84 -38.26
N LEU G 98 -12.87 -12.46 -39.53
CA LEU G 98 -11.72 -11.70 -39.96
C LEU G 98 -11.65 -10.37 -39.23
N ALA G 99 -12.80 -9.71 -39.05
CA ALA G 99 -12.81 -8.40 -38.40
C ALA G 99 -12.28 -8.50 -36.97
N ILE G 100 -12.83 -9.42 -36.18
CA ILE G 100 -12.36 -9.54 -34.80
C ILE G 100 -10.92 -10.02 -34.75
N ARG G 101 -10.55 -11.02 -35.55
CA ARG G 101 -9.19 -11.52 -35.51
C ARG G 101 -8.17 -10.49 -35.97
N ASN G 102 -8.58 -9.50 -36.77
CA ASN G 102 -7.66 -8.52 -37.30
C ASN G 102 -7.59 -7.25 -36.48
N ASP G 103 -8.68 -6.81 -35.88
CA ASP G 103 -8.64 -5.62 -35.05
C ASP G 103 -8.13 -5.98 -33.67
N GLU G 104 -7.05 -5.32 -33.24
CA GLU G 104 -6.39 -5.69 -31.99
C GLU G 104 -7.32 -5.55 -30.80
N GLU G 105 -7.99 -4.40 -30.68
CA GLU G 105 -8.79 -4.15 -29.49
C GLU G 105 -10.02 -5.04 -29.45
N LEU G 106 -10.69 -5.20 -30.60
CA LEU G 106 -11.86 -6.07 -30.64
C LEU G 106 -11.47 -7.52 -30.35
N GLY G 107 -10.35 -7.97 -30.90
CA GLY G 107 -9.89 -9.32 -30.58
C GLY G 107 -9.57 -9.47 -29.11
N LYS G 108 -8.98 -8.45 -28.49
CA LYS G 108 -8.71 -8.50 -27.06
C LYS G 108 -10.01 -8.63 -26.28
N LEU G 109 -11.03 -7.87 -26.67
CA LEU G 109 -12.33 -8.00 -26.03
C LEU G 109 -12.91 -9.39 -26.22
N LEU G 110 -12.74 -9.98 -27.40
CA LEU G 110 -13.34 -11.26 -27.76
C LEU G 110 -12.28 -12.35 -27.88
N SER G 111 -11.30 -12.34 -26.98
CA SER G 111 -10.20 -13.29 -27.09
C SER G 111 -10.68 -14.73 -26.93
N GLY G 112 -11.57 -14.97 -25.98
CA GLY G 112 -11.94 -16.33 -25.63
C GLY G 112 -13.15 -16.88 -26.34
N VAL G 113 -13.53 -16.27 -27.45
CA VAL G 113 -14.73 -16.70 -28.17
C VAL G 113 -14.33 -17.16 -29.56
N THR G 114 -15.08 -18.13 -30.07
CA THR G 114 -14.95 -18.60 -31.45
C THR G 114 -16.27 -18.45 -32.15
N ILE G 115 -16.20 -18.23 -33.46
CA ILE G 115 -17.37 -17.97 -34.28
C ILE G 115 -17.67 -19.20 -35.12
N ALA G 116 -18.93 -19.63 -35.11
CA ALA G 116 -19.33 -20.80 -35.86
C ALA G 116 -19.00 -20.64 -37.34
N HIS G 117 -18.51 -21.71 -37.94
CA HIS G 117 -18.11 -21.74 -39.35
C HIS G 117 -17.07 -20.66 -39.66
N GLU H 64 -37.22 -13.82 -30.17
CA GLU H 64 -37.02 -12.39 -29.95
C GLU H 64 -35.55 -12.03 -30.11
N THR H 65 -35.27 -11.10 -31.02
CA THR H 65 -33.91 -10.68 -31.31
C THR H 65 -33.90 -9.17 -31.54
N TYR H 66 -32.78 -8.67 -32.04
CA TYR H 66 -32.63 -7.27 -32.40
C TYR H 66 -32.46 -7.11 -33.91
N LYS H 67 -33.19 -7.92 -34.69
CA LYS H 67 -33.01 -7.93 -36.14
C LYS H 67 -33.31 -6.59 -36.77
N ILE H 68 -34.45 -5.99 -36.42
CA ILE H 68 -34.83 -4.72 -37.02
C ILE H 68 -33.86 -3.63 -36.60
N TYR H 69 -33.43 -3.63 -35.34
CA TYR H 69 -32.57 -2.55 -34.86
C TYR H 69 -31.17 -2.65 -35.44
N ILE H 70 -30.66 -3.87 -35.58
CA ILE H 70 -29.37 -4.03 -36.26
C ILE H 70 -29.52 -3.66 -37.73
N PHE H 71 -30.67 -3.96 -38.34
CA PHE H 71 -30.89 -3.56 -39.73
C PHE H 71 -30.84 -2.04 -39.87
N LYS H 72 -31.49 -1.34 -38.94
CA LYS H 72 -31.44 0.12 -38.94
C LYS H 72 -30.02 0.63 -38.73
N VAL H 73 -29.28 0.02 -37.81
CA VAL H 73 -27.91 0.44 -37.56
C VAL H 73 -27.06 0.26 -38.81
N LEU H 74 -27.17 -0.90 -39.46
CA LEU H 74 -26.36 -1.15 -40.64
C LEU H 74 -26.75 -0.23 -41.77
N LYS H 75 -28.05 0.02 -41.96
CA LYS H 75 -28.45 0.91 -43.03
C LYS H 75 -28.02 2.35 -42.76
N GLN H 76 -27.86 2.72 -41.49
CA GLN H 76 -27.44 4.10 -41.22
C GLN H 76 -25.92 4.26 -41.29
N VAL H 77 -25.15 3.26 -40.87
CA VAL H 77 -23.70 3.43 -40.87
C VAL H 77 -23.09 2.99 -42.19
N HIS H 78 -23.43 1.80 -42.68
CA HIS H 78 -22.91 1.27 -43.94
C HIS H 78 -24.09 0.86 -44.80
N PRO H 79 -24.75 1.83 -45.43
CA PRO H 79 -25.95 1.50 -46.23
C PRO H 79 -25.66 0.63 -47.43
N ASP H 80 -24.42 0.55 -47.88
CA ASP H 80 -24.09 -0.07 -49.15
C ASP H 80 -23.88 -1.57 -49.10
N ILE H 81 -23.82 -2.17 -47.92
CA ILE H 81 -23.55 -3.61 -47.79
C ILE H 81 -24.56 -4.23 -46.83
N GLY H 82 -25.12 -5.36 -47.23
CA GLY H 82 -26.05 -6.09 -46.39
C GLY H 82 -25.36 -7.16 -45.55
N ILE H 83 -26.19 -7.94 -44.85
CA ILE H 83 -25.70 -8.99 -43.96
C ILE H 83 -26.42 -10.29 -44.28
N SER H 84 -25.71 -11.39 -44.04
CA SER H 84 -26.26 -12.72 -44.23
C SER H 84 -27.10 -13.13 -43.01
N SER H 85 -27.81 -14.25 -43.16
CA SER H 85 -28.60 -14.76 -42.05
C SER H 85 -27.71 -15.28 -40.92
N LYS H 86 -26.70 -16.07 -41.26
CA LYS H 86 -25.79 -16.59 -40.25
C LYS H 86 -25.02 -15.46 -39.58
N ALA H 87 -24.53 -14.50 -40.36
CA ALA H 87 -23.83 -13.36 -39.77
C ALA H 87 -24.77 -12.57 -38.87
N MET H 88 -26.01 -12.37 -39.31
CA MET H 88 -27.01 -11.73 -38.48
C MET H 88 -27.13 -12.45 -37.15
N GLY H 89 -27.28 -13.78 -37.20
CA GLY H 89 -27.45 -14.53 -35.97
C GLY H 89 -26.25 -14.44 -35.04
N ILE H 90 -25.05 -14.53 -35.61
CA ILE H 90 -23.86 -14.52 -34.75
C ILE H 90 -23.64 -13.16 -34.14
N MET H 91 -23.91 -12.08 -34.88
CA MET H 91 -23.73 -10.78 -34.26
C MET H 91 -24.85 -10.47 -33.28
N ASN H 92 -26.04 -11.04 -33.51
CA ASN H 92 -27.08 -10.97 -32.49
C ASN H 92 -26.65 -11.68 -31.22
N SER H 93 -25.99 -12.84 -31.37
CA SER H 93 -25.45 -13.51 -30.20
C SER H 93 -24.39 -12.66 -29.52
N PHE H 94 -23.57 -11.97 -30.30
CA PHE H 94 -22.62 -11.00 -29.76
C PHE H 94 -23.31 -9.96 -28.90
N ILE H 95 -24.36 -9.34 -29.45
CA ILE H 95 -25.09 -8.29 -28.75
C ILE H 95 -25.70 -8.85 -27.47
N ASN H 96 -26.32 -10.03 -27.56
CA ASN H 96 -26.99 -10.60 -26.40
C ASN H 96 -25.99 -11.01 -25.33
N ASP H 97 -24.82 -11.51 -25.72
CA ASP H 97 -23.83 -11.90 -24.74
C ASP H 97 -23.29 -10.68 -24.02
N ILE H 98 -23.04 -9.59 -24.74
CA ILE H 98 -22.67 -8.35 -24.07
C ILE H 98 -23.79 -7.88 -23.16
N PHE H 99 -25.04 -7.97 -23.64
CA PHE H 99 -26.21 -7.72 -22.80
C PHE H 99 -26.10 -8.45 -21.47
N GLU H 100 -25.90 -9.76 -21.54
CA GLU H 100 -25.87 -10.59 -20.35
C GLU H 100 -24.71 -10.21 -19.44
N LYS H 101 -23.52 -10.02 -20.01
CA LYS H 101 -22.36 -9.75 -19.17
C LYS H 101 -22.47 -8.40 -18.50
N LEU H 102 -22.93 -7.37 -19.23
CA LEU H 102 -23.14 -6.07 -18.61
C LEU H 102 -24.17 -6.12 -17.51
N ALA H 103 -25.32 -6.76 -17.77
CA ALA H 103 -26.34 -6.83 -16.74
C ALA H 103 -25.81 -7.54 -15.51
N SER H 104 -25.13 -8.67 -15.72
CA SER H 104 -24.61 -9.45 -14.60
C SER H 104 -23.56 -8.65 -13.82
N GLU H 105 -22.64 -8.00 -14.52
CA GLU H 105 -21.59 -7.26 -13.84
C GLU H 105 -22.15 -6.09 -13.05
N SER H 106 -23.09 -5.34 -13.66
CA SER H 106 -23.71 -4.24 -12.94
C SER H 106 -24.43 -4.72 -11.70
N SER H 107 -25.21 -5.80 -11.83
CA SER H 107 -25.92 -6.35 -10.68
C SER H 107 -24.94 -6.81 -9.61
N LYS H 108 -23.86 -7.47 -10.03
CA LYS H 108 -22.90 -8.02 -9.08
C LYS H 108 -22.18 -6.92 -8.33
N LEU H 109 -21.79 -5.85 -9.02
CA LEU H 109 -21.12 -4.75 -8.34
C LEU H 109 -22.09 -3.99 -7.43
N ALA H 110 -23.36 -3.90 -7.83
CA ALA H 110 -24.36 -3.31 -6.93
C ALA H 110 -24.49 -4.14 -5.67
N ARG H 111 -24.54 -5.46 -5.82
CA ARG H 111 -24.63 -6.34 -4.66
C ARG H 111 -23.40 -6.22 -3.79
N TYR H 112 -22.23 -6.09 -4.40
CA TYR H 112 -21.00 -5.91 -3.63
C TYR H 112 -21.03 -4.61 -2.85
N ASN H 113 -21.58 -3.55 -3.45
CA ASN H 113 -21.74 -2.28 -2.76
C ASN H 113 -22.84 -2.33 -1.69
N LYS H 114 -23.51 -3.48 -1.53
CA LYS H 114 -24.61 -3.65 -0.58
C LYS H 114 -25.73 -2.67 -0.86
N LYS H 115 -25.74 -2.08 -2.05
CA LYS H 115 -26.56 -1.04 -2.62
C LYS H 115 -27.85 -1.66 -3.17
N PRO H 116 -29.03 -1.11 -2.87
CA PRO H 116 -30.26 -1.81 -3.23
C PRO H 116 -30.68 -1.62 -4.69
N THR H 117 -30.34 -0.48 -5.29
CA THR H 117 -30.78 -0.19 -6.64
C THR H 117 -29.58 0.22 -7.49
N ILE H 118 -29.76 0.13 -8.80
CA ILE H 118 -28.71 0.37 -9.78
C ILE H 118 -29.08 1.63 -10.54
N THR H 119 -28.08 2.39 -10.98
CA THR H 119 -28.35 3.55 -11.82
C THR H 119 -27.23 3.71 -12.84
N SER H 120 -27.29 4.83 -13.55
CA SER H 120 -26.33 5.10 -14.61
C SER H 120 -24.90 5.10 -14.09
N ARG H 121 -24.70 5.37 -12.80
CA ARG H 121 -23.35 5.38 -12.29
C ARG H 121 -22.79 3.96 -12.16
N GLU H 122 -23.61 3.01 -11.70
CA GLU H 122 -23.18 1.63 -11.75
C GLU H 122 -23.01 1.17 -13.18
N ILE H 123 -23.84 1.65 -14.10
CA ILE H 123 -23.59 1.30 -15.50
C ILE H 123 -22.25 1.87 -15.95
N GLN H 124 -21.92 3.07 -15.49
CA GLN H 124 -20.60 3.65 -15.76
C GLN H 124 -19.49 2.70 -15.33
N THR H 125 -19.53 2.27 -14.08
CA THR H 125 -18.42 1.46 -13.57
C THR H 125 -18.39 0.10 -14.24
N ALA H 126 -19.55 -0.49 -14.53
CA ALA H 126 -19.57 -1.78 -15.20
C ALA H 126 -19.01 -1.68 -16.61
N VAL H 127 -19.40 -0.65 -17.36
CA VAL H 127 -18.91 -0.50 -18.72
C VAL H 127 -17.42 -0.26 -18.71
N ARG H 128 -16.95 0.58 -17.80
CA ARG H 128 -15.51 0.81 -17.70
C ARG H 128 -14.77 -0.48 -17.37
N LEU H 129 -15.37 -1.31 -16.50
CA LEU H 129 -14.74 -2.58 -16.15
C LEU H 129 -14.63 -3.48 -17.38
N VAL H 130 -15.73 -3.69 -18.09
CA VAL H 130 -15.77 -4.72 -19.12
C VAL H 130 -15.29 -4.25 -20.49
N LEU H 131 -15.04 -2.96 -20.67
CA LEU H 131 -14.50 -2.52 -21.95
C LEU H 131 -13.03 -2.15 -21.81
N PRO H 132 -12.16 -2.68 -22.67
CA PRO H 132 -10.75 -2.23 -22.67
C PRO H 132 -10.62 -0.78 -23.11
N GLY H 133 -9.43 -0.20 -22.93
CA GLY H 133 -9.25 1.23 -22.89
C GLY H 133 -9.89 2.13 -23.93
N GLU H 134 -9.49 2.01 -25.20
CA GLU H 134 -10.00 2.92 -26.21
C GLU H 134 -11.51 2.74 -26.42
N LEU H 135 -11.96 1.49 -26.47
CA LEU H 135 -13.38 1.23 -26.61
C LEU H 135 -14.15 1.79 -25.42
N ALA H 136 -13.59 1.65 -24.23
CA ALA H 136 -14.24 2.17 -23.03
C ALA H 136 -14.32 3.68 -23.07
N LYS H 137 -13.27 4.34 -23.56
CA LYS H 137 -13.29 5.80 -23.65
C LYS H 137 -14.35 6.27 -24.62
N HIS H 138 -14.42 5.64 -25.80
CA HIS H 138 -15.45 6.01 -26.76
C HIS H 138 -16.84 5.73 -26.21
N ALA H 139 -17.02 4.58 -25.57
CA ALA H 139 -18.32 4.22 -25.01
C ALA H 139 -18.73 5.17 -23.90
N VAL H 140 -17.81 5.54 -23.03
CA VAL H 140 -18.16 6.45 -21.94
C VAL H 140 -18.47 7.83 -22.49
N SER H 141 -17.75 8.28 -23.52
CA SER H 141 -18.09 9.55 -24.13
C SER H 141 -19.51 9.54 -24.68
N GLU H 142 -19.82 8.53 -25.50
CA GLU H 142 -21.14 8.50 -26.12
C GLU H 142 -22.23 8.28 -25.07
N GLY H 143 -21.94 7.50 -24.03
CA GLY H 143 -22.92 7.30 -22.98
C GLY H 143 -23.18 8.55 -22.17
N THR H 144 -22.13 9.31 -21.88
CA THR H 144 -22.32 10.58 -21.19
C THR H 144 -23.14 11.54 -22.05
N LYS H 145 -22.88 11.59 -23.35
CA LYS H 145 -23.71 12.43 -24.22
C LYS H 145 -25.15 11.96 -24.20
N ALA H 146 -25.38 10.65 -24.25
CA ALA H 146 -26.74 10.12 -24.27
C ALA H 146 -27.47 10.45 -22.97
N VAL H 147 -26.80 10.29 -21.82
CA VAL H 147 -27.47 10.56 -20.55
C VAL H 147 -27.72 12.04 -20.39
N THR H 148 -26.81 12.90 -20.87
CA THR H 148 -27.07 14.33 -20.84
C THR H 148 -28.26 14.69 -21.73
N LYS H 149 -28.36 14.05 -22.90
CA LYS H 149 -29.50 14.29 -23.78
C LYS H 149 -30.80 13.87 -23.11
N PHE H 150 -30.79 12.71 -22.44
CA PHE H 150 -31.99 12.26 -21.73
C PHE H 150 -32.36 13.22 -20.61
N THR H 151 -31.36 13.72 -19.88
CA THR H 151 -31.63 14.68 -18.80
C THR H 151 -32.22 15.96 -19.36
N SER H 152 -31.67 16.47 -20.47
CA SER H 152 -32.19 17.68 -21.08
C SER H 152 -33.62 17.48 -21.60
N SER H 153 -33.89 16.31 -22.19
CA SER H 153 -35.22 16.01 -22.71
C SER H 153 -36.17 15.62 -21.59
N GLU K 187 33.55 29.56 53.23
CA GLU K 187 33.89 28.44 54.11
C GLU K 187 32.72 27.48 54.26
N THR K 188 31.50 28.01 54.42
CA THR K 188 30.33 27.14 54.54
C THR K 188 30.10 26.36 53.25
N VAL K 189 30.27 27.02 52.09
CA VAL K 189 30.08 26.33 50.81
C VAL K 189 31.09 25.22 50.65
N ILE K 190 32.35 25.49 50.99
CA ILE K 190 33.40 24.47 50.87
C ILE K 190 33.11 23.30 51.81
N LYS K 191 32.73 23.59 53.05
CA LYS K 191 32.44 22.54 54.01
C LYS K 191 31.27 21.68 53.54
N LEU K 192 30.22 22.32 53.03
CA LEU K 192 29.06 21.58 52.55
C LEU K 192 29.41 20.71 51.35
N GLN K 193 30.14 21.27 50.39
CA GLN K 193 30.53 20.50 49.22
C GLN K 193 31.45 19.35 49.58
N ASN K 194 32.25 19.48 50.65
CA ASN K 194 33.12 18.40 51.07
C ASN K 194 32.34 17.32 51.81
N GLU K 195 31.58 17.71 52.84
CA GLU K 195 30.92 16.73 53.69
C GLU K 195 29.74 16.06 52.99
N LEU K 196 28.91 16.84 52.30
CA LEU K 196 27.75 16.26 51.63
C LEU K 196 28.16 15.41 50.43
N CYS K 197 29.33 15.70 49.86
CA CYS K 197 29.89 14.92 48.75
C CYS K 197 31.28 14.43 49.14
N PRO K 198 31.34 13.40 49.99
CA PRO K 198 32.64 12.95 50.51
C PRO K 198 33.59 12.41 49.45
N LEU K 199 33.09 12.02 48.28
CA LEU K 199 33.94 11.43 47.27
C LEU K 199 33.76 12.07 45.89
N LEU K 200 33.35 13.34 45.85
CA LEU K 200 33.38 14.10 44.61
C LEU K 200 34.83 14.51 44.42
N THR K 201 35.64 13.55 43.99
CA THR K 201 37.09 13.68 44.05
C THR K 201 37.67 14.54 42.93
N GLY K 202 37.06 14.54 41.76
CA GLY K 202 37.66 15.14 40.58
C GLY K 202 37.21 16.53 40.23
N GLY K 203 36.55 17.25 41.13
CA GLY K 203 36.14 18.61 40.81
C GLY K 203 35.52 19.40 41.95
N GLN K 204 34.70 20.39 41.61
CA GLN K 204 34.09 21.26 42.59
C GLN K 204 32.70 21.67 42.10
N LEU K 205 31.85 22.11 43.03
CA LEU K 205 30.49 22.51 42.74
C LEU K 205 30.29 23.99 43.02
N LYS K 206 29.73 24.72 42.05
CA LYS K 206 29.34 26.09 42.31
C LYS K 206 28.10 26.15 43.19
N SER K 207 27.86 27.33 43.75
CA SER K 207 26.93 27.46 44.86
C SER K 207 25.52 26.99 44.53
N TYR K 208 24.89 27.62 43.54
CA TYR K 208 23.45 27.46 43.40
C TYR K 208 23.07 26.06 42.92
N GLN K 209 23.86 25.44 42.04
CA GLN K 209 23.54 24.06 41.69
C GLN K 209 23.89 23.12 42.83
N LEU K 210 24.84 23.49 43.68
CA LEU K 210 25.08 22.71 44.89
C LEU K 210 23.85 22.73 45.80
N LYS K 211 23.22 23.89 45.93
CA LYS K 211 21.93 23.96 46.60
C LYS K 211 20.91 23.08 45.89
N GLY K 212 20.98 23.03 44.56
CA GLY K 212 20.15 22.09 43.84
C GLY K 212 20.43 20.65 44.22
N VAL K 213 21.71 20.31 44.45
CA VAL K 213 22.07 18.96 44.86
C VAL K 213 21.49 18.64 46.23
N LYS K 214 21.60 19.58 47.17
CA LYS K 214 21.04 19.31 48.49
C LYS K 214 19.53 19.15 48.40
N TRP K 215 18.88 19.93 47.54
CA TRP K 215 17.44 19.77 47.33
C TRP K 215 17.12 18.39 46.75
N LEU K 216 17.91 17.95 45.77
CA LEU K 216 17.72 16.63 45.19
C LEU K 216 17.88 15.55 46.24
N ILE K 217 18.89 15.68 47.10
CA ILE K 217 19.12 14.71 48.15
C ILE K 217 17.94 14.68 49.10
N SER K 218 17.41 15.86 49.45
CA SER K 218 16.26 15.91 50.34
C SER K 218 15.04 15.22 49.71
N LEU K 219 14.81 15.47 48.43
CA LEU K 219 13.67 14.85 47.76
C LEU K 219 13.86 13.35 47.60
N TRP K 220 15.10 12.89 47.47
CA TRP K 220 15.37 11.46 47.55
C TRP K 220 15.04 10.92 48.93
N GLN K 221 15.40 11.68 49.97
CA GLN K 221 14.97 11.34 51.32
C GLN K 221 13.46 11.37 51.43
N ASN K 222 12.81 12.26 50.70
CA ASN K 222 11.36 12.23 50.54
C ASN K 222 10.91 11.23 49.49
N GLY K 223 11.84 10.60 48.78
CA GLY K 223 11.51 9.61 47.79
C GLY K 223 10.83 10.14 46.55
N LEU K 224 10.82 11.46 46.37
CA LEU K 224 10.17 12.07 45.22
C LEU K 224 11.19 12.42 44.15
N ASN K 225 10.85 12.11 42.90
CA ASN K 225 11.70 12.39 41.76
C ASN K 225 11.32 13.72 41.13
N GLY K 226 12.32 14.39 40.54
CA GLY K 226 12.12 15.72 40.01
C GLY K 226 12.64 15.84 38.59
N ILE K 227 12.35 16.99 38.00
CA ILE K 227 12.70 17.27 36.60
C ILE K 227 13.85 18.27 36.59
N LEU K 228 14.94 17.90 35.95
CA LEU K 228 16.07 18.80 35.72
C LEU K 228 15.93 19.43 34.34
N ALA K 229 15.97 20.73 34.31
CA ALA K 229 15.94 21.45 33.07
C ALA K 229 16.88 22.62 33.15
N ASP K 230 17.61 22.75 34.24
CA ASP K 230 18.55 23.84 34.42
C ASP K 230 19.56 24.11 33.28
N GLN K 231 19.35 25.24 32.60
CA GLN K 231 20.17 25.79 31.52
C GLN K 231 20.30 25.07 30.16
N MET K 232 20.58 25.87 29.14
CA MET K 232 20.80 25.37 27.79
C MET K 232 22.22 24.83 27.84
N GLY K 233 22.30 23.58 28.29
CA GLY K 233 23.55 22.89 28.53
C GLY K 233 24.70 23.70 29.04
N LEU K 234 24.43 24.30 30.17
CA LEU K 234 25.44 25.07 30.83
C LEU K 234 26.47 24.04 31.09
N GLY K 235 26.06 22.97 31.75
CA GLY K 235 26.91 21.88 32.10
C GLY K 235 26.05 21.26 33.12
N LYS K 236 25.64 20.04 32.90
CA LYS K 236 24.72 19.47 33.84
C LYS K 236 25.27 18.27 34.48
N THR K 237 26.07 17.53 33.71
CA THR K 237 26.70 16.33 34.25
C THR K 237 27.30 16.59 35.63
N ILE K 238 27.80 17.81 35.85
CA ILE K 238 28.41 18.14 37.14
C ILE K 238 27.43 17.87 38.27
N GLN K 239 26.20 18.36 38.13
CA GLN K 239 25.21 18.14 39.18
C GLN K 239 24.71 16.70 39.19
N THR K 240 24.78 16.01 38.06
CA THR K 240 24.43 14.60 38.06
C THR K 240 25.35 13.80 38.98
N ILE K 241 26.66 13.96 38.81
CA ILE K 241 27.58 13.34 39.76
C ILE K 241 27.35 13.89 41.16
N GLY K 242 27.13 15.20 41.28
CA GLY K 242 26.94 15.78 42.59
C GLY K 242 25.84 15.10 43.38
N PHE K 243 24.70 14.82 42.72
CA PHE K 243 23.61 14.15 43.39
C PHE K 243 23.91 12.66 43.59
N LEU K 244 24.43 12.00 42.55
CA LEU K 244 24.56 10.54 42.62
C LEU K 244 25.63 10.10 43.60
N SER K 245 26.79 10.77 43.61
CA SER K 245 27.90 10.34 44.46
C SER K 245 27.53 10.41 45.93
N HIS K 246 26.56 11.24 46.30
CA HIS K 246 26.08 11.25 47.67
C HIS K 246 25.53 9.88 48.07
N LEU K 247 24.87 9.20 47.13
CA LEU K 247 24.33 7.87 47.41
C LEU K 247 25.45 6.89 47.73
N LYS K 248 26.54 6.93 46.96
CA LYS K 248 27.68 6.06 47.25
C LYS K 248 28.35 6.45 48.56
N GLY K 249 28.42 7.76 48.84
CA GLY K 249 29.03 8.19 50.09
C GLY K 249 28.29 7.69 51.30
N ASN K 250 26.96 7.63 51.22
CA ASN K 250 26.15 7.03 52.27
C ASN K 250 26.25 5.51 52.31
N GLY K 251 26.91 4.91 51.31
CA GLY K 251 26.97 3.47 51.22
C GLY K 251 25.70 2.83 50.72
N LEU K 252 24.80 3.61 50.14
CA LEU K 252 23.53 3.10 49.62
C LEU K 252 23.77 2.54 48.22
N ASP K 253 24.34 1.34 48.18
CA ASP K 253 24.57 0.66 46.92
C ASP K 253 23.25 0.31 46.25
N GLY K 254 23.23 0.42 44.92
CA GLY K 254 22.05 0.13 44.15
C GLY K 254 22.29 0.36 42.67
N PRO K 255 21.66 -0.45 41.83
CA PRO K 255 21.90 -0.34 40.38
C PRO K 255 21.45 0.99 39.81
N TYR K 256 22.21 1.49 38.85
CA TYR K 256 21.99 2.80 38.25
C TYR K 256 21.69 2.65 36.76
N LEU K 257 20.67 3.37 36.29
CA LEU K 257 20.26 3.35 34.90
C LEU K 257 20.27 4.76 34.32
N VAL K 258 20.87 4.93 33.15
CA VAL K 258 20.87 6.21 32.46
C VAL K 258 20.52 5.98 30.99
N ILE K 259 19.73 6.89 30.44
CA ILE K 259 19.35 6.87 29.03
C ILE K 259 19.66 8.24 28.45
N ALA K 260 20.50 8.28 27.43
CA ALA K 260 21.04 9.52 26.88
C ALA K 260 21.12 9.41 25.37
N PRO K 261 21.11 10.54 24.67
CA PRO K 261 21.33 10.51 23.22
C PRO K 261 22.73 10.05 22.89
N LEU K 262 22.85 9.40 21.72
CA LEU K 262 24.14 8.84 21.32
C LEU K 262 25.20 9.91 21.16
N SER K 263 24.82 11.10 20.67
CA SER K 263 25.80 12.10 20.29
C SER K 263 26.68 12.53 21.47
N THR K 264 26.20 12.35 22.69
CA THR K 264 26.90 12.88 23.86
C THR K 264 27.27 11.82 24.88
N LEU K 265 27.13 10.54 24.57
CA LEU K 265 27.43 9.50 25.56
C LEU K 265 28.91 9.50 25.91
N SER K 266 29.78 9.61 24.91
CA SER K 266 31.22 9.62 25.18
C SER K 266 31.61 10.86 25.97
N ASN K 267 31.06 12.02 25.60
CA ASN K 267 31.30 13.24 26.36
C ASN K 267 30.85 13.08 27.80
N TRP K 268 29.70 12.42 28.00
CA TRP K 268 29.18 12.23 29.35
C TRP K 268 30.11 11.33 30.15
N PHE K 269 30.62 10.26 29.54
CA PHE K 269 31.58 9.41 30.24
C PHE K 269 32.85 10.18 30.58
N ASN K 270 33.36 10.98 29.64
CA ASN K 270 34.55 11.76 29.95
C ASN K 270 34.28 12.72 31.10
N GLU K 271 33.11 13.34 31.12
CA GLU K 271 32.78 14.28 32.17
C GLU K 271 32.64 13.59 33.53
N ILE K 272 31.99 12.41 33.56
CA ILE K 272 31.84 11.71 34.83
C ILE K 272 33.18 11.19 35.32
N ALA K 273 34.05 10.74 34.42
CA ALA K 273 35.39 10.33 34.82
C ALA K 273 36.18 11.50 35.36
N ARG K 274 36.07 12.66 34.71
CA ARG K 274 36.79 13.85 35.16
C ARG K 274 36.32 14.28 36.54
N PHE K 275 35.01 14.40 36.72
CA PHE K 275 34.49 14.96 37.97
C PHE K 275 34.62 13.99 39.14
N THR K 276 34.59 12.69 38.89
CA THR K 276 34.91 11.68 39.90
C THR K 276 35.55 10.48 39.22
N PRO K 277 36.87 10.37 39.29
CA PRO K 277 37.51 9.09 38.94
C PRO K 277 37.11 7.96 39.88
N SER K 278 36.56 8.27 41.06
CA SER K 278 36.25 7.27 42.08
C SER K 278 34.94 6.54 41.82
N ILE K 279 34.24 6.84 40.72
CA ILE K 279 32.94 6.24 40.43
C ILE K 279 33.10 5.26 39.28
N ASN K 280 32.63 4.04 39.50
CA ASN K 280 32.67 3.00 38.46
C ASN K 280 31.57 3.24 37.44
N ALA K 281 31.92 3.18 36.16
CA ALA K 281 30.94 3.40 35.10
C ALA K 281 31.38 2.66 33.84
N ILE K 282 30.40 2.34 33.00
CA ILE K 282 30.64 1.62 31.75
C ILE K 282 29.69 2.14 30.68
N ILE K 283 30.17 2.09 29.43
CA ILE K 283 29.33 2.34 28.27
C ILE K 283 28.63 1.05 27.87
N TYR K 284 27.33 1.16 27.89
CA TYR K 284 26.51 0.09 27.46
C TYR K 284 25.98 0.49 26.12
N HIS K 285 26.76 0.29 25.09
CA HIS K 285 26.33 0.55 23.73
C HIS K 285 26.78 -0.55 22.75
N GLY K 286 26.82 -0.28 21.46
CA GLY K 286 27.23 -1.30 20.51
C GLY K 286 26.03 -2.14 20.04
N ASP K 287 26.26 -3.14 19.18
CA ASP K 287 25.18 -3.97 18.66
C ASP K 287 25.02 -5.19 19.57
N LYS K 288 24.34 -6.22 19.06
CA LYS K 288 24.07 -7.40 19.86
C LYS K 288 25.36 -8.08 20.31
N ASN K 289 26.46 -7.87 19.58
CA ASN K 289 27.73 -8.47 20.00
C ASN K 289 28.27 -7.82 21.27
N GLN K 290 28.25 -6.49 21.33
CA GLN K 290 28.63 -5.84 22.58
C GLN K 290 27.62 -6.13 23.68
N ARG K 291 26.35 -6.26 23.32
CA ARG K 291 25.36 -6.75 24.29
C ARG K 291 25.84 -8.07 24.89
N ASP K 292 26.27 -8.99 24.03
CA ASP K 292 26.73 -10.30 24.50
C ASP K 292 27.92 -10.17 25.42
N GLU K 293 28.94 -9.39 25.02
CA GLU K 293 30.15 -9.35 25.83
C GLU K 293 29.91 -8.66 27.17
N LEU K 294 29.12 -7.57 27.18
CA LEU K 294 28.81 -6.92 28.44
C LEU K 294 27.98 -7.83 29.35
N ARG K 295 26.96 -8.48 28.79
CA ARG K 295 26.08 -9.31 29.60
C ARG K 295 26.75 -10.63 29.99
N ARG K 296 27.85 -10.99 29.33
CA ARG K 296 28.71 -12.06 29.84
C ARG K 296 29.61 -11.60 30.98
N LYS K 297 30.27 -10.44 30.84
CA LYS K 297 31.35 -10.15 31.79
C LYS K 297 31.01 -9.10 32.82
N HIS K 298 30.50 -7.93 32.41
CA HIS K 298 30.50 -6.77 33.29
C HIS K 298 29.36 -6.77 34.30
N MET K 299 28.44 -7.71 34.21
CA MET K 299 27.15 -7.59 34.90
C MET K 299 26.95 -8.66 35.98
N PRO K 300 26.93 -8.27 37.26
CA PRO K 300 26.48 -9.17 38.32
C PRO K 300 25.02 -8.93 38.67
N LYS K 301 24.32 -10.02 38.98
CA LYS K 301 22.93 -9.90 39.42
C LYS K 301 22.83 -9.12 40.72
N THR K 302 23.68 -9.47 41.69
CA THR K 302 23.58 -8.89 43.02
C THR K 302 24.16 -7.48 43.05
N VAL K 303 23.52 -6.61 43.84
CA VAL K 303 24.04 -5.26 44.04
C VAL K 303 25.35 -5.34 44.82
N GLY K 304 26.29 -4.45 44.46
CA GLY K 304 27.56 -4.40 45.13
C GLY K 304 28.39 -3.21 44.69
N PRO K 305 29.43 -2.87 45.48
CA PRO K 305 30.33 -1.78 45.07
C PRO K 305 31.04 -2.05 43.76
N LYS K 306 31.21 -3.32 43.37
CA LYS K 306 31.81 -3.66 42.09
C LYS K 306 30.93 -3.33 40.90
N PHE K 307 29.66 -3.00 41.14
CA PHE K 307 28.75 -2.70 40.05
C PHE K 307 29.03 -1.30 39.50
N PRO K 308 29.35 -1.16 38.23
CA PRO K 308 29.59 0.17 37.66
C PRO K 308 28.32 0.79 37.11
N ILE K 309 28.39 2.10 36.88
CA ILE K 309 27.27 2.80 36.26
C ILE K 309 27.14 2.34 34.81
N VAL K 310 25.93 1.94 34.43
CA VAL K 310 25.65 1.36 33.13
C VAL K 310 25.04 2.44 32.25
N ILE K 311 25.75 2.85 31.21
CA ILE K 311 25.32 3.94 30.34
C ILE K 311 24.66 3.33 29.11
N THR K 312 23.34 3.46 29.02
CA THR K 312 22.56 2.91 27.93
C THR K 312 22.04 4.05 27.05
N SER K 313 22.21 3.90 25.74
CA SER K 313 21.81 4.92 24.78
C SER K 313 20.33 4.80 24.46
N TYR K 314 19.85 5.72 23.62
CA TYR K 314 18.44 5.71 23.23
C TYR K 314 18.06 4.41 22.54
N GLU K 315 18.83 4.01 21.52
CA GLU K 315 18.50 2.81 20.77
C GLU K 315 18.38 1.60 21.69
N VAL K 316 19.23 1.55 22.72
CA VAL K 316 19.07 0.54 23.76
C VAL K 316 17.70 0.68 24.42
N ALA K 317 17.30 1.92 24.72
CA ALA K 317 16.02 2.12 25.39
C ALA K 317 14.86 1.64 24.54
N MET K 318 14.93 1.84 23.22
CA MET K 318 13.85 1.36 22.36
C MET K 318 13.86 -0.15 22.21
N ASN K 319 15.04 -0.78 22.16
CA ASN K 319 15.04 -2.20 21.81
C ASN K 319 15.09 -3.15 23.01
N ASP K 320 15.97 -2.90 23.97
CA ASP K 320 16.35 -3.91 24.96
C ASP K 320 15.44 -3.97 26.19
N ALA K 321 14.19 -3.52 26.08
CA ALA K 321 13.30 -3.46 27.23
C ALA K 321 13.14 -4.81 27.91
N LYS K 322 12.58 -5.80 27.21
CA LYS K 322 12.44 -7.12 27.79
C LYS K 322 13.79 -7.68 28.23
N ARG K 323 14.81 -7.57 27.38
CA ARG K 323 16.04 -8.30 27.61
C ARG K 323 16.85 -7.78 28.80
N ILE K 324 16.66 -6.53 29.22
CA ILE K 324 17.39 -5.99 30.37
C ILE K 324 16.45 -5.44 31.44
N LEU K 325 15.53 -4.55 31.07
CA LEU K 325 14.73 -3.86 32.07
C LEU K 325 13.97 -4.81 32.98
N ARG K 326 13.67 -6.03 32.51
CA ARG K 326 13.09 -7.04 33.38
C ARG K 326 14.15 -7.84 34.13
N HIS K 327 15.34 -7.99 33.57
CA HIS K 327 16.42 -8.67 34.29
C HIS K 327 17.20 -7.74 35.22
N TYR K 328 16.80 -6.48 35.34
CA TYR K 328 17.28 -5.63 36.42
C TYR K 328 16.13 -4.87 37.07
N PRO K 329 16.01 -4.92 38.38
CA PRO K 329 15.25 -3.88 39.08
C PRO K 329 16.10 -2.63 39.26
N TRP K 330 16.19 -1.83 38.20
CA TRP K 330 17.09 -0.68 38.18
C TRP K 330 16.69 0.29 39.30
N LYS K 331 17.47 0.31 40.37
CA LYS K 331 17.12 1.07 41.56
C LYS K 331 17.60 2.51 41.48
N TYR K 332 18.22 2.91 40.38
CA TYR K 332 18.54 4.31 40.14
C TYR K 332 18.38 4.56 38.65
N VAL K 333 17.52 5.52 38.30
CA VAL K 333 17.25 5.84 36.91
C VAL K 333 17.38 7.33 36.71
N VAL K 334 18.17 7.73 35.70
CA VAL K 334 18.35 9.12 35.33
C VAL K 334 18.36 9.17 33.81
N ILE K 335 17.73 10.20 33.25
CA ILE K 335 17.66 10.31 31.79
C ILE K 335 17.91 11.75 31.38
N ASP K 336 18.69 11.92 30.32
CA ASP K 336 19.12 13.21 29.80
C ASP K 336 18.34 13.55 28.54
N GLU K 337 18.41 14.82 28.16
CA GLU K 337 17.74 15.33 26.96
C GLU K 337 16.26 14.99 27.03
N GLY K 338 15.71 15.21 28.22
CA GLY K 338 14.36 14.79 28.58
C GLY K 338 13.27 15.37 27.72
N HIS K 339 13.56 16.37 26.91
CA HIS K 339 12.53 16.84 25.98
C HIS K 339 12.33 15.87 24.83
N ARG K 340 12.96 14.71 24.95
CA ARG K 340 12.79 13.64 23.97
C ARG K 340 11.36 13.12 23.94
N LEU K 341 10.69 13.13 25.10
CA LEU K 341 9.33 12.60 25.21
C LEU K 341 8.33 13.75 25.07
N LYS K 342 7.94 14.02 23.82
CA LYS K 342 7.03 15.12 23.54
C LYS K 342 5.57 14.76 23.75
N ASN K 343 5.22 13.48 23.86
CA ASN K 343 3.84 13.09 24.03
C ASN K 343 3.76 11.80 24.83
N HIS K 344 2.55 11.25 24.91
CA HIS K 344 2.35 9.94 25.51
C HIS K 344 2.40 8.81 24.48
N LYS K 345 2.71 9.12 23.23
CA LYS K 345 2.73 8.13 22.17
C LYS K 345 4.12 7.92 21.57
N CYS K 346 5.11 8.70 21.99
CA CYS K 346 6.49 8.47 21.59
C CYS K 346 6.92 7.10 22.08
N LYS K 347 7.12 6.13 21.18
CA LYS K 347 7.20 4.76 21.63
C LYS K 347 8.44 4.48 22.47
N LEU K 348 9.36 5.42 22.56
CA LEU K 348 10.29 5.42 23.68
C LEU K 348 9.52 5.26 24.98
N LEU K 349 8.44 6.02 25.15
CA LEU K 349 7.65 5.92 26.38
C LEU K 349 6.95 4.58 26.50
N ARG K 350 6.51 3.97 25.39
CA ARG K 350 5.86 2.68 25.52
C ARG K 350 6.87 1.60 25.88
N GLU K 351 8.12 1.74 25.42
CA GLU K 351 9.17 0.87 25.90
C GLU K 351 9.45 1.13 27.37
N LEU K 352 9.45 2.40 27.77
CA LEU K 352 9.72 2.77 29.16
C LEU K 352 8.66 2.28 30.13
N LYS K 353 7.39 2.17 29.71
CA LYS K 353 6.44 1.58 30.64
C LYS K 353 6.84 0.17 31.06
N HIS K 354 7.84 -0.41 30.42
CA HIS K 354 8.50 -1.61 30.92
C HIS K 354 9.68 -1.24 31.82
N LEU K 355 9.43 -0.38 32.79
CA LEU K 355 10.42 0.04 33.76
C LEU K 355 10.01 -0.39 35.16
N LYS K 356 11.01 -0.64 36.01
CA LYS K 356 10.82 -0.65 37.45
C LYS K 356 11.19 0.73 37.97
N MET K 357 10.33 1.69 37.59
CA MET K 357 10.61 3.12 37.64
C MET K 357 10.45 3.68 39.06
N ASP K 358 11.27 3.15 39.96
CA ASP K 358 11.30 3.67 41.32
C ASP K 358 12.04 5.01 41.38
N ASN K 359 13.20 5.09 40.73
CA ASN K 359 13.99 6.31 40.67
C ASN K 359 13.79 6.99 39.32
N LYS K 360 13.92 8.32 39.32
CA LYS K 360 13.80 9.11 38.10
C LYS K 360 14.53 10.42 38.26
N LEU K 361 15.14 10.89 37.17
CA LEU K 361 15.56 12.29 37.04
C LEU K 361 15.47 12.68 35.57
N LEU K 362 14.41 13.41 35.23
CA LEU K 362 14.28 14.00 33.91
C LEU K 362 15.30 15.12 33.76
N LEU K 363 16.24 14.96 32.84
CA LEU K 363 17.23 15.99 32.56
C LEU K 363 17.01 16.49 31.14
N THR K 364 16.71 17.78 31.01
CA THR K 364 16.42 18.38 29.72
C THR K 364 16.81 19.85 29.76
N GLY K 365 16.49 20.56 28.68
CA GLY K 365 16.70 21.99 28.64
C GLY K 365 15.40 22.74 28.83
N THR K 366 14.99 23.50 27.82
CA THR K 366 13.69 24.14 27.86
C THR K 366 12.61 23.07 27.82
N PRO K 367 11.66 23.09 28.77
CA PRO K 367 10.70 21.99 28.89
C PRO K 367 9.43 22.11 28.06
N LEU K 368 9.11 23.29 27.52
CA LEU K 368 7.87 23.49 26.80
C LEU K 368 8.08 23.25 25.31
N GLN K 369 7.26 22.39 24.72
CA GLN K 369 7.32 22.05 23.30
C GLN K 369 5.95 22.34 22.68
N ASN K 370 5.71 23.62 22.40
CA ASN K 370 4.66 24.09 21.50
C ASN K 370 3.25 24.00 22.08
N ASN K 371 3.09 23.35 23.23
CA ASN K 371 1.75 23.17 23.81
C ASN K 371 1.91 22.61 25.22
N LEU K 372 0.78 22.17 25.78
CA LEU K 372 0.70 21.57 27.11
C LEU K 372 0.97 20.08 27.10
N SER K 373 0.88 19.42 25.95
CA SER K 373 0.90 17.95 25.93
C SER K 373 2.21 17.41 26.46
N GLU K 374 3.33 18.01 26.09
CA GLU K 374 4.62 17.48 26.54
C GLU K 374 4.90 17.75 28.01
N LEU K 375 4.47 18.89 28.55
CA LEU K 375 4.53 19.06 30.00
C LEU K 375 3.70 18.00 30.71
N TRP K 376 2.50 17.74 30.21
CA TRP K 376 1.70 16.69 30.83
C TRP K 376 2.39 15.33 30.74
N SER K 377 2.97 15.01 29.59
CA SER K 377 3.63 13.73 29.43
C SER K 377 4.81 13.60 30.40
N LEU K 378 5.61 14.66 30.53
CA LEU K 378 6.77 14.58 31.42
C LEU K 378 6.33 14.53 32.88
N LEU K 379 5.26 15.25 33.24
CA LEU K 379 4.73 15.14 34.59
C LEU K 379 4.25 13.72 34.90
N ASN K 380 3.57 13.09 33.96
CA ASN K 380 3.16 11.70 34.17
C ASN K 380 4.37 10.80 34.32
N PHE K 381 5.39 11.00 33.48
CA PHE K 381 6.57 10.14 33.58
C PHE K 381 7.28 10.32 34.92
N ILE K 382 7.48 11.58 35.34
CA ILE K 382 8.24 11.82 36.56
C ILE K 382 7.43 11.40 37.79
N LEU K 383 6.15 11.74 37.82
CA LEU K 383 5.30 11.50 38.99
C LEU K 383 3.96 10.94 38.53
N PRO K 384 3.93 9.71 38.03
CA PRO K 384 2.64 9.12 37.64
C PRO K 384 1.69 8.97 38.80
N ASP K 385 2.21 8.64 40.00
CA ASP K 385 1.36 8.48 41.17
C ASP K 385 0.74 9.80 41.62
N ILE K 386 1.27 10.93 41.17
CA ILE K 386 0.71 12.23 41.49
C ILE K 386 -0.07 12.82 40.34
N PHE K 387 0.51 12.84 39.14
CA PHE K 387 -0.18 13.32 37.95
C PHE K 387 -0.92 12.17 37.27
N THR K 388 -1.82 11.56 38.04
CA THR K 388 -2.49 10.34 37.57
C THR K 388 -3.42 10.64 36.40
N SER K 389 -4.23 11.68 36.52
CA SER K 389 -5.30 11.92 35.57
C SER K 389 -5.19 13.33 35.00
N HIS K 390 -5.50 13.45 33.70
CA HIS K 390 -5.43 14.73 33.00
C HIS K 390 -6.75 15.50 33.04
N ASP K 391 -7.78 14.95 33.68
CA ASP K 391 -9.06 15.65 33.69
C ASP K 391 -8.99 16.99 34.43
N GLU K 392 -8.22 17.05 35.53
CA GLU K 392 -8.19 18.28 36.31
C GLU K 392 -7.35 19.35 35.64
N PHE K 393 -6.21 18.97 35.06
CA PHE K 393 -5.27 19.94 34.50
C PHE K 393 -5.54 20.20 33.02
N GLU K 394 -6.48 19.47 32.43
CA GLU K 394 -6.88 19.68 31.04
C GLU K 394 -7.46 21.07 30.82
N SER K 395 -7.95 21.71 31.88
CA SER K 395 -8.72 22.95 31.74
C SER K 395 -7.92 24.11 31.18
N TRP K 396 -6.59 24.01 31.11
CA TRP K 396 -5.74 25.16 30.78
C TRP K 396 -4.93 24.96 29.51
N PHE K 397 -5.55 24.50 28.43
CA PHE K 397 -4.88 24.55 27.13
C PHE K 397 -4.62 25.99 26.70
N ASP K 398 -5.58 26.89 26.96
CA ASP K 398 -5.38 28.30 26.69
C ASP K 398 -5.58 29.11 27.96
N GLU K 410 -12.44 39.40 33.99
CA GLU K 410 -11.84 40.08 35.14
C GLU K 410 -11.21 39.07 36.09
N GLU K 411 -11.96 38.03 36.43
CA GLU K 411 -11.45 36.99 37.33
C GLU K 411 -10.45 36.07 36.65
N GLU K 412 -10.44 36.04 35.30
CA GLU K 412 -9.49 35.19 34.60
C GLU K 412 -8.06 35.68 34.77
N GLU K 413 -7.86 36.99 34.95
CA GLU K 413 -6.53 37.51 35.18
C GLU K 413 -5.93 36.97 36.47
N LYS K 414 -6.73 36.92 37.54
CA LYS K 414 -6.28 36.30 38.78
C LYS K 414 -6.09 34.80 38.63
N ARG K 415 -6.87 34.18 37.74
CA ARG K 415 -6.75 32.73 37.54
C ARG K 415 -5.41 32.33 36.97
N ARG K 416 -4.70 33.26 36.30
CA ARG K 416 -3.37 32.94 35.79
C ARG K 416 -2.43 32.53 36.92
N ALA K 417 -2.46 33.28 38.02
CA ALA K 417 -1.73 32.86 39.21
C ALA K 417 -2.30 31.58 39.79
N GLN K 418 -3.64 31.43 39.72
CA GLN K 418 -4.27 30.23 40.24
C GLN K 418 -3.80 28.99 39.48
N VAL K 419 -3.52 29.13 38.18
CA VAL K 419 -2.89 28.05 37.44
C VAL K 419 -1.54 27.71 38.07
N VAL K 420 -0.78 28.73 38.41
CA VAL K 420 0.48 28.53 39.14
C VAL K 420 0.20 28.03 40.55
N SER K 421 -0.86 28.53 41.18
CA SER K 421 -1.05 28.31 42.61
C SER K 421 -1.19 26.84 42.94
N LYS K 422 -1.98 26.10 42.16
CA LYS K 422 -2.23 24.69 42.46
C LYS K 422 -0.94 23.88 42.41
N LEU K 423 -0.22 23.97 41.30
CA LEU K 423 1.00 23.19 41.11
C LEU K 423 2.24 24.06 40.98
N HIS K 424 2.26 25.00 40.03
CA HIS K 424 3.49 25.69 39.71
C HIS K 424 3.98 26.58 40.85
N GLY K 425 3.11 26.93 41.80
CA GLY K 425 3.59 27.58 43.00
C GLY K 425 4.53 26.72 43.82
N ILE K 426 4.51 25.40 43.60
CA ILE K 426 5.42 24.48 44.24
C ILE K 426 6.42 24.00 43.17
N LEU K 427 5.98 23.94 41.92
CA LEU K 427 6.84 23.45 40.85
C LEU K 427 8.07 24.33 40.66
N ARG K 428 7.90 25.66 40.76
CA ARG K 428 9.03 26.55 40.58
C ARG K 428 10.18 26.27 41.53
N PRO K 429 9.97 26.11 42.84
CA PRO K 429 11.03 25.49 43.66
C PRO K 429 11.31 24.05 43.28
N PHE K 430 10.31 23.33 42.78
CA PHE K 430 10.47 21.89 42.52
C PHE K 430 11.27 21.64 41.25
N ILE K 431 11.15 22.50 40.24
CA ILE K 431 11.88 22.34 38.99
C ILE K 431 13.24 23.02 39.17
N LEU K 432 14.30 22.22 39.13
CA LEU K 432 15.66 22.73 39.32
C LEU K 432 16.15 23.29 38.00
N ARG K 433 15.97 24.60 37.82
CA ARG K 433 16.39 25.30 36.60
C ARG K 433 16.39 26.78 36.92
N ARG K 434 17.50 27.45 36.66
CA ARG K 434 17.65 28.87 36.95
C ARG K 434 17.76 29.65 35.63
N MET K 435 16.71 30.40 35.32
CA MET K 435 16.81 31.40 34.26
C MET K 435 17.72 32.52 34.73
N LYS K 436 18.46 33.09 33.78
CA LYS K 436 19.43 34.14 34.09
C LYS K 436 18.82 35.49 34.44
N CYS K 437 18.76 35.79 35.73
CA CYS K 437 18.24 37.08 36.18
C CYS K 437 19.43 37.99 36.43
N ASP K 438 20.43 37.45 37.11
CA ASP K 438 21.65 38.16 37.43
C ASP K 438 22.77 37.20 37.86
N VAL K 439 23.29 36.42 36.90
CA VAL K 439 24.34 35.44 37.22
C VAL K 439 25.40 35.25 36.14
N GLU K 440 25.00 35.25 34.87
CA GLU K 440 25.96 35.04 33.81
C GLU K 440 26.12 36.28 32.97
N LEU K 441 26.24 37.44 33.62
CA LEU K 441 26.47 38.66 32.84
C LEU K 441 27.61 38.52 31.85
N SER K 442 28.39 37.44 31.94
CA SER K 442 29.39 37.12 30.92
C SER K 442 28.75 36.89 29.56
N LEU K 443 27.45 36.63 29.51
CA LEU K 443 26.75 36.44 28.25
C LEU K 443 26.85 37.73 27.43
N PRO K 444 27.40 37.69 26.22
CA PRO K 444 27.64 38.93 25.47
C PRO K 444 26.35 39.52 24.93
N ARG K 445 26.47 40.76 24.46
CA ARG K 445 25.34 41.45 23.84
C ARG K 445 24.93 40.77 22.54
N LYS K 446 23.62 40.66 22.33
CA LYS K 446 23.06 40.03 21.15
C LYS K 446 21.69 40.64 20.88
N LYS K 447 21.41 40.88 19.60
CA LYS K 447 20.09 41.35 19.18
C LYS K 447 19.74 40.73 17.83
N GLU K 448 18.44 40.66 17.56
CA GLU K 448 17.92 40.04 16.36
C GLU K 448 16.70 40.80 15.89
N ILE K 449 16.55 40.88 14.56
CA ILE K 449 15.54 41.73 13.92
C ILE K 449 14.77 40.91 12.89
N ILE K 450 13.52 41.28 12.68
CA ILE K 450 12.63 40.61 11.74
C ILE K 450 12.21 41.60 10.66
N MET K 451 12.31 41.18 9.40
CA MET K 451 11.98 41.99 8.24
C MET K 451 10.58 41.65 7.72
N TYR K 452 9.98 42.61 7.03
CA TYR K 452 8.62 42.47 6.51
C TYR K 452 8.47 43.07 5.12
N ALA K 453 9.43 42.81 4.24
CA ALA K 453 9.35 43.30 2.88
C ALA K 453 8.37 42.47 2.05
N THR K 454 7.82 43.10 1.00
CA THR K 454 6.81 42.46 0.17
C THR K 454 7.45 41.40 -0.72
N MET K 455 6.59 40.66 -1.43
CA MET K 455 6.99 39.52 -2.23
C MET K 455 6.68 39.83 -3.69
N THR K 456 7.49 39.32 -4.61
CA THR K 456 7.40 39.77 -6.00
C THR K 456 6.32 39.01 -6.78
N ASP K 457 6.40 39.10 -8.11
CA ASP K 457 5.27 38.96 -9.03
C ASP K 457 5.00 37.51 -9.45
N HIS K 458 6.04 36.83 -9.92
CA HIS K 458 5.89 35.50 -10.50
C HIS K 458 5.30 34.54 -9.47
N GLN K 459 5.76 34.66 -8.22
CA GLN K 459 5.19 33.87 -7.15
C GLN K 459 3.79 34.32 -6.76
N LYS K 460 3.43 35.60 -6.92
CA LYS K 460 2.05 35.90 -6.55
C LYS K 460 1.08 35.34 -7.57
N LYS K 461 1.46 35.30 -8.85
CA LYS K 461 0.57 34.66 -9.81
C LYS K 461 0.52 33.16 -9.61
N PHE K 462 1.66 32.54 -9.26
CA PHE K 462 1.59 31.13 -8.86
C PHE K 462 0.66 30.90 -7.67
N GLN K 463 0.74 31.74 -6.65
CA GLN K 463 -0.12 31.50 -5.48
C GLN K 463 -1.58 31.83 -5.78
N GLU K 464 -1.83 32.76 -6.69
CA GLU K 464 -3.21 32.96 -7.16
C GLU K 464 -3.74 31.70 -7.84
N HIS K 465 -2.90 31.05 -8.66
CA HIS K 465 -3.33 29.78 -9.24
C HIS K 465 -3.51 28.71 -8.18
N LEU K 466 -2.64 28.71 -7.17
CA LEU K 466 -2.59 27.62 -6.20
C LEU K 466 -3.75 27.69 -5.20
N VAL K 467 -4.10 28.89 -4.73
CA VAL K 467 -5.16 29.00 -3.74
C VAL K 467 -6.47 28.47 -4.28
N ASN K 468 -6.68 28.54 -5.59
CA ASN K 468 -7.81 27.92 -6.23
C ASN K 468 -7.54 26.47 -6.62
N ASN K 469 -6.35 25.95 -6.27
CA ASN K 469 -5.92 24.61 -6.67
C ASN K 469 -5.91 24.47 -8.18
N THR K 470 -5.49 25.54 -8.88
CA THR K 470 -5.41 25.55 -10.33
C THR K 470 -3.98 25.80 -10.81
N LEU K 471 -2.99 25.60 -9.94
CA LEU K 471 -1.60 25.75 -10.37
C LEU K 471 -1.25 24.73 -11.45
N GLU K 472 -1.64 23.47 -11.24
CA GLU K 472 -1.35 22.44 -12.22
C GLU K 472 -2.03 22.72 -13.54
N ALA K 473 -3.15 23.44 -13.53
CA ALA K 473 -3.79 23.85 -14.77
C ALA K 473 -2.90 24.83 -15.54
N HIS K 474 -2.31 25.80 -14.84
CA HIS K 474 -1.44 26.75 -15.51
C HIS K 474 -0.15 26.09 -15.99
N LEU K 475 0.44 25.21 -15.17
CA LEU K 475 1.65 24.52 -15.60
C LEU K 475 1.36 23.56 -16.76
N GLY K 476 0.16 22.99 -16.81
CA GLY K 476 -0.21 22.17 -17.95
C GLY K 476 -0.18 22.96 -19.25
N GLU K 477 -0.63 24.22 -19.20
CA GLU K 477 -0.47 25.10 -20.35
C GLU K 477 1.00 25.40 -20.62
N ASN K 478 1.81 25.50 -19.55
CA ASN K 478 3.25 25.70 -19.73
C ASN K 478 3.94 24.43 -20.20
N ALA K 479 3.40 23.27 -19.86
CA ALA K 479 3.99 22.00 -20.28
C ALA K 479 3.16 21.35 -21.38
N LYS K 488 -0.97 19.05 -8.81
CA LYS K 488 -1.96 18.18 -8.19
C LYS K 488 -1.52 17.77 -6.79
N LEU K 489 -0.85 18.68 -6.09
CA LEU K 489 -0.37 18.44 -4.74
C LEU K 489 -1.42 18.90 -3.75
N ASN K 490 -1.98 17.96 -2.98
CA ASN K 490 -3.18 18.22 -2.20
C ASN K 490 -2.89 19.02 -0.92
N ASN K 491 -1.73 18.80 -0.30
CA ASN K 491 -1.45 19.40 1.00
C ASN K 491 -1.18 20.89 0.88
N LEU K 492 -2.26 21.69 0.90
CA LEU K 492 -2.19 23.07 0.43
C LEU K 492 -1.19 23.91 1.23
N VAL K 493 -1.17 23.73 2.55
CA VAL K 493 -0.29 24.55 3.38
C VAL K 493 1.17 24.27 3.04
N ILE K 494 1.49 23.01 2.74
CA ILE K 494 2.87 22.67 2.38
C ILE K 494 3.26 23.35 1.08
N GLN K 495 2.39 23.36 0.08
CA GLN K 495 2.74 24.05 -1.16
C GLN K 495 2.80 25.55 -0.96
N LEU K 496 1.97 26.10 -0.06
CA LEU K 496 2.09 27.52 0.28
C LEU K 496 3.46 27.84 0.84
N ARG K 497 3.92 27.02 1.78
CA ARG K 497 5.27 27.20 2.32
C ARG K 497 6.32 27.07 1.23
N LYS K 498 6.18 26.05 0.39
CA LYS K 498 7.16 25.80 -0.66
C LYS K 498 7.26 26.97 -1.62
N ASN K 499 6.11 27.51 -2.04
CA ASN K 499 6.12 28.69 -2.89
C ASN K 499 6.75 29.86 -2.16
N CYS K 500 6.52 29.98 -0.85
CA CYS K 500 7.16 31.02 -0.08
C CYS K 500 8.69 30.90 -0.14
N ASN K 501 9.20 29.67 -0.10
CA ASN K 501 10.64 29.48 -0.26
C ASN K 501 11.10 30.01 -1.61
N HIS K 502 10.69 29.37 -2.70
CA HIS K 502 11.12 29.80 -4.02
C HIS K 502 10.29 29.07 -5.07
N PRO K 503 9.92 29.73 -6.17
CA PRO K 503 9.02 29.09 -7.15
C PRO K 503 9.59 27.83 -7.78
N ASP K 504 10.92 27.69 -7.85
CA ASP K 504 11.56 26.57 -8.55
C ASP K 504 10.90 25.23 -8.22
N LEU K 505 10.45 25.06 -6.98
CA LEU K 505 9.99 23.76 -6.52
C LEU K 505 8.93 23.18 -7.44
N LEU K 506 8.06 24.04 -7.94
CA LEU K 506 6.97 23.60 -8.80
C LEU K 506 7.44 23.29 -10.21
N GLN K 507 8.42 24.04 -10.66
CA GLN K 507 8.99 23.82 -11.97
C GLN K 507 9.64 22.49 -11.71
N GLY K 508 10.53 22.54 -10.75
CA GLY K 508 11.21 21.37 -10.27
C GLY K 508 10.32 20.16 -10.11
N GLN K 509 9.05 20.33 -9.69
CA GLN K 509 8.14 19.23 -9.62
C GLN K 509 8.09 18.64 -11.01
N ILE K 510 7.83 19.44 -12.03
CA ILE K 510 7.87 18.85 -13.36
C ILE K 510 9.33 18.81 -13.80
N ASP K 511 9.86 19.97 -14.17
CA ASP K 511 11.25 20.16 -14.59
C ASP K 511 11.83 19.06 -15.43
N GLY K 512 12.99 18.60 -15.02
CA GLY K 512 13.73 17.61 -15.72
C GLY K 512 14.91 18.51 -15.89
N SER K 513 14.83 19.75 -15.37
CA SER K 513 15.97 20.56 -15.57
C SER K 513 16.82 20.35 -14.35
N TYR K 514 17.33 19.11 -14.22
CA TYR K 514 18.25 18.67 -13.17
C TYR K 514 19.25 19.75 -13.18
N LEU K 515 19.83 19.97 -14.36
CA LEU K 515 20.63 21.19 -14.41
C LEU K 515 19.69 22.36 -14.70
N TYR K 516 19.71 23.37 -13.85
CA TYR K 516 18.62 24.32 -13.84
C TYR K 516 19.01 25.59 -14.62
N PRO K 517 18.02 26.29 -15.17
CA PRO K 517 18.28 27.46 -16.03
C PRO K 517 19.06 28.57 -15.31
N PRO K 518 19.45 29.64 -16.04
CA PRO K 518 20.49 30.54 -15.52
C PRO K 518 20.10 31.29 -14.25
N VAL K 519 21.15 31.79 -13.58
CA VAL K 519 21.04 32.38 -12.24
C VAL K 519 20.17 33.63 -12.24
N GLU K 520 20.34 34.48 -13.24
CA GLU K 520 19.61 35.75 -13.26
C GLU K 520 18.11 35.53 -13.16
N GLU K 521 17.62 34.40 -13.66
CA GLU K 521 16.23 34.05 -13.43
C GLU K 521 15.93 33.94 -11.94
N ILE K 522 16.77 33.21 -11.19
CA ILE K 522 16.57 33.11 -9.76
C ILE K 522 16.55 34.50 -9.14
N VAL K 523 17.45 35.36 -9.61
CA VAL K 523 17.44 36.75 -9.15
C VAL K 523 16.08 37.39 -9.40
N GLY K 524 15.50 37.12 -10.57
CA GLY K 524 14.28 37.79 -10.97
C GLY K 524 12.98 37.20 -10.48
N GLN K 525 12.99 35.99 -9.92
CA GLN K 525 11.72 35.39 -9.51
C GLN K 525 11.25 35.90 -8.14
N CYS K 526 12.02 35.61 -7.09
CA CYS K 526 11.53 35.78 -5.73
C CYS K 526 12.28 36.91 -5.03
N GLY K 527 11.51 37.82 -4.42
CA GLY K 527 12.08 39.02 -3.83
C GLY K 527 12.94 38.75 -2.60
N LYS K 528 12.55 37.77 -1.78
CA LYS K 528 13.30 37.52 -0.56
C LYS K 528 14.73 37.08 -0.86
N PHE K 529 14.91 36.26 -1.90
CA PHE K 529 16.25 35.78 -2.22
C PHE K 529 17.13 36.91 -2.74
N ARG K 530 16.55 37.84 -3.51
CA ARG K 530 17.34 38.98 -4.01
C ARG K 530 17.62 40.02 -2.92
N LEU K 531 16.71 40.19 -1.96
CA LEU K 531 17.09 40.96 -0.78
C LEU K 531 18.20 40.25 -0.01
N LEU K 532 18.13 38.93 0.06
CA LEU K 532 19.23 38.15 0.59
C LEU K 532 20.51 38.42 -0.19
N GLU K 533 20.38 38.60 -1.50
CA GLU K 533 21.55 38.87 -2.33
C GLU K 533 22.22 40.18 -1.94
N ARG K 534 21.44 41.27 -1.80
CA ARG K 534 22.09 42.51 -1.36
C ARG K 534 22.60 42.43 0.07
N LEU K 535 21.91 41.72 0.96
CA LEU K 535 22.42 41.68 2.33
C LEU K 535 23.71 40.88 2.41
N LEU K 536 23.84 39.81 1.62
CA LEU K 536 25.11 39.10 1.57
C LEU K 536 26.17 39.94 0.88
N VAL K 537 25.78 40.79 -0.07
CA VAL K 537 26.74 41.77 -0.61
C VAL K 537 27.25 42.68 0.50
N ARG K 538 26.35 43.17 1.35
CA ARG K 538 26.76 43.92 2.53
C ARG K 538 27.75 43.13 3.38
N LEU K 539 27.42 41.89 3.71
CA LEU K 539 28.20 41.14 4.67
C LEU K 539 29.58 40.79 4.12
N PHE K 540 29.65 40.39 2.85
CA PHE K 540 30.94 40.17 2.21
C PHE K 540 31.72 41.47 2.03
N ALA K 541 31.03 42.61 1.91
CA ALA K 541 31.72 43.89 1.91
C ALA K 541 32.43 44.13 3.24
N ASN K 542 31.78 43.76 4.34
CA ASN K 542 32.39 43.85 5.66
C ASN K 542 33.15 42.59 6.04
N ASN K 543 33.10 41.55 5.21
CA ASN K 543 33.90 40.34 5.38
C ASN K 543 33.61 39.65 6.72
N HIS K 544 32.33 39.48 7.05
CA HIS K 544 31.98 38.70 8.22
C HIS K 544 31.83 37.22 7.84
N LYS K 545 31.85 36.37 8.86
CA LYS K 545 31.57 34.95 8.71
C LYS K 545 30.06 34.76 8.89
N VAL K 546 29.38 34.37 7.82
CA VAL K 546 27.92 34.40 7.76
C VAL K 546 27.40 32.97 7.84
N LEU K 547 26.50 32.72 8.78
CA LEU K 547 25.84 31.44 8.92
C LEU K 547 24.45 31.52 8.30
N ILE K 548 24.08 30.47 7.56
CA ILE K 548 22.79 30.40 6.90
C ILE K 548 22.10 29.10 7.33
N PHE K 549 20.79 29.17 7.53
CA PHE K 549 20.01 28.03 7.96
C PHE K 549 18.71 28.00 7.19
N SER K 550 18.20 26.79 6.96
CA SER K 550 16.95 26.61 6.23
C SER K 550 16.35 25.27 6.63
N GLN K 551 15.18 24.97 6.07
CA GLN K 551 14.36 23.88 6.55
C GLN K 551 14.31 22.68 5.62
N TRP K 552 14.44 22.88 4.31
CA TRP K 552 14.30 21.80 3.34
C TRP K 552 15.48 21.79 2.38
N THR K 553 15.97 20.59 2.07
CA THR K 553 17.09 20.47 1.14
C THR K 553 16.72 20.97 -0.24
N LYS K 554 15.44 20.92 -0.60
CA LYS K 554 15.01 21.32 -1.94
C LYS K 554 15.29 22.79 -2.23
N LEU K 555 15.49 23.61 -1.19
CA LEU K 555 15.98 24.97 -1.37
C LEU K 555 17.43 25.12 -0.95
N LEU K 556 17.92 24.26 -0.06
CA LEU K 556 19.34 24.25 0.28
C LEU K 556 20.18 24.08 -0.98
N ASP K 557 19.84 23.10 -1.80
CA ASP K 557 20.56 22.91 -3.06
C ASP K 557 20.39 24.12 -3.97
N ILE K 558 19.25 24.81 -3.89
CA ILE K 558 19.02 25.95 -4.77
C ILE K 558 20.00 27.07 -4.44
N MET K 559 20.09 27.47 -3.16
CA MET K 559 21.03 28.56 -2.94
C MET K 559 22.47 28.08 -2.90
N ASP K 560 22.70 26.77 -2.73
CA ASP K 560 24.05 26.26 -2.93
C ASP K 560 24.48 26.44 -4.38
N TYR K 561 23.58 26.13 -5.32
CA TYR K 561 23.85 26.35 -6.72
C TYR K 561 24.06 27.83 -7.01
N TYR K 562 23.25 28.69 -6.39
CA TYR K 562 23.44 30.13 -6.54
C TYR K 562 24.82 30.55 -6.07
N PHE K 563 25.22 30.12 -4.87
CA PHE K 563 26.48 30.54 -4.31
C PHE K 563 27.65 30.02 -5.14
N SER K 564 27.53 28.80 -5.65
CA SER K 564 28.58 28.26 -6.50
C SER K 564 28.69 29.04 -7.80
N GLU K 565 27.57 29.27 -8.48
CA GLU K 565 27.60 30.00 -9.74
C GLU K 565 27.97 31.46 -9.55
N LYS K 566 27.82 32.00 -8.33
CA LYS K 566 28.23 33.37 -8.05
C LYS K 566 29.74 33.49 -7.88
N GLY K 567 30.47 32.38 -7.89
CA GLY K 567 31.90 32.41 -7.70
C GLY K 567 32.36 32.19 -6.28
N PHE K 568 31.47 31.81 -5.37
CA PHE K 568 31.81 31.59 -3.97
C PHE K 568 32.00 30.09 -3.71
N GLU K 569 32.79 29.80 -2.69
CA GLU K 569 33.11 28.42 -2.35
C GLU K 569 31.87 27.67 -1.89
N VAL K 570 31.87 26.37 -2.13
CA VAL K 570 30.74 25.50 -1.81
C VAL K 570 31.01 24.90 -0.43
N CYS K 571 30.19 25.28 0.56
CA CYS K 571 30.28 24.76 1.92
C CYS K 571 28.90 24.25 2.30
N ARG K 572 28.68 22.95 2.12
CA ARG K 572 27.37 22.34 2.29
C ARG K 572 27.48 21.20 3.30
N ILE K 573 26.75 21.31 4.40
CA ILE K 573 26.67 20.26 5.40
C ILE K 573 25.21 20.03 5.75
N ASP K 574 24.79 18.76 5.74
CA ASP K 574 23.42 18.41 6.07
C ASP K 574 23.41 17.01 6.66
N GLY K 575 22.22 16.52 6.94
CA GLY K 575 22.11 15.16 7.44
C GLY K 575 22.52 14.09 6.45
N SER K 576 22.63 14.45 5.16
CA SER K 576 22.97 13.46 4.14
C SER K 576 24.45 13.14 4.09
N VAL K 577 25.30 13.98 4.66
CA VAL K 577 26.74 13.74 4.67
C VAL K 577 27.12 13.06 5.97
N LYS K 578 28.09 12.16 5.90
CA LYS K 578 28.50 11.35 7.04
C LYS K 578 29.24 12.25 8.04
N LEU K 579 29.69 11.64 9.14
CA LEU K 579 30.12 12.40 10.31
C LEU K 579 31.56 12.92 10.19
N ASP K 580 32.48 12.11 9.67
CA ASP K 580 33.87 12.53 9.63
C ASP K 580 34.05 13.73 8.70
N GLU K 581 33.39 13.74 7.54
CA GLU K 581 33.48 14.96 6.74
C GLU K 581 32.73 16.11 7.40
N ARG K 582 31.75 15.82 8.26
CA ARG K 582 31.09 16.89 8.99
C ARG K 582 32.08 17.61 9.90
N ARG K 583 32.85 16.87 10.70
CA ARG K 583 33.90 17.54 11.47
C ARG K 583 34.99 18.13 10.60
N ARG K 584 35.33 17.53 9.46
CA ARG K 584 36.38 18.17 8.66
C ARG K 584 35.90 19.52 8.12
N GLN K 585 34.63 19.61 7.75
CA GLN K 585 34.07 20.89 7.32
C GLN K 585 33.98 21.87 8.50
N ILE K 586 33.67 21.36 9.69
CA ILE K 586 33.68 22.23 10.88
C ILE K 586 35.07 22.81 11.09
N LYS K 587 36.11 21.98 10.97
CA LYS K 587 37.47 22.46 11.12
C LYS K 587 37.84 23.45 10.03
N ASP K 588 37.38 23.21 8.81
CA ASP K 588 37.64 24.16 7.72
C ASP K 588 37.00 25.50 8.00
N PHE K 589 35.75 25.50 8.46
CA PHE K 589 35.07 26.74 8.79
C PHE K 589 35.75 27.47 9.94
N SER K 590 36.15 26.72 10.97
CA SER K 590 36.82 27.30 12.12
C SER K 590 38.27 27.68 11.84
N ASP K 591 38.82 27.26 10.70
CA ASP K 591 40.19 27.60 10.36
C ASP K 591 40.30 29.09 10.10
N GLU K 592 41.29 29.73 10.73
CA GLU K 592 41.49 31.16 10.52
C GLU K 592 41.97 31.47 9.11
N LYS K 593 42.82 30.60 8.55
CA LYS K 593 43.31 30.81 7.19
C LYS K 593 42.24 30.63 6.13
N SER K 594 41.12 30.00 6.47
CA SER K 594 40.03 29.81 5.52
C SER K 594 39.18 31.08 5.47
N SER K 595 39.04 31.64 4.26
CA SER K 595 38.27 32.87 4.07
C SER K 595 36.82 32.62 3.72
N CYS K 596 36.38 31.36 3.70
CA CYS K 596 34.99 31.05 3.39
C CYS K 596 34.07 31.66 4.44
N SER K 597 33.01 32.31 3.97
CA SER K 597 32.06 33.01 4.84
C SER K 597 30.67 32.39 4.79
N ILE K 598 30.55 31.16 4.31
CA ILE K 598 29.27 30.48 4.20
C ILE K 598 29.40 29.08 4.78
N PHE K 599 28.34 28.63 5.46
CA PHE K 599 28.25 27.26 5.97
C PHE K 599 26.80 26.83 5.83
N LEU K 600 26.49 26.18 4.71
CA LEU K 600 25.11 25.77 4.43
C LEU K 600 24.77 24.57 5.28
N LEU K 601 23.94 24.78 6.30
CA LEU K 601 23.62 23.76 7.29
C LEU K 601 22.11 23.65 7.44
N SER K 602 21.61 22.41 7.39
CA SER K 602 20.21 22.16 7.70
C SER K 602 19.94 22.48 9.16
N THR K 603 18.81 23.15 9.40
CA THR K 603 18.45 23.51 10.77
C THR K 603 18.22 22.27 11.62
N ARG K 604 17.50 21.28 11.09
CA ARG K 604 17.14 20.12 11.89
C ARG K 604 18.36 19.29 12.27
N ALA K 605 19.33 19.18 11.36
CA ALA K 605 20.51 18.35 11.63
C ALA K 605 21.39 18.92 12.73
N GLY K 606 21.15 20.16 13.17
CA GLY K 606 21.98 20.80 14.16
C GLY K 606 21.78 20.36 15.59
N GLY K 607 20.95 19.34 15.81
CA GLY K 607 20.68 18.83 17.15
C GLY K 607 21.72 17.88 17.71
N LEU K 608 22.86 17.72 17.03
CA LEU K 608 23.93 16.85 17.50
C LEU K 608 24.93 17.58 18.39
N GLY K 609 24.67 18.83 18.74
CA GLY K 609 25.56 19.56 19.62
C GLY K 609 26.80 20.12 18.96
N ILE K 610 26.74 20.46 17.67
CA ILE K 610 27.88 21.05 17.01
C ILE K 610 28.14 22.44 17.57
N ASN K 611 29.39 22.70 17.94
CA ASN K 611 29.79 23.99 18.47
C ASN K 611 30.53 24.75 17.38
N LEU K 612 29.87 25.77 16.83
CA LEU K 612 30.45 26.64 15.81
C LEU K 612 30.32 28.09 16.23
N THR K 613 30.66 28.36 17.49
CA THR K 613 30.64 29.71 18.03
C THR K 613 31.70 30.61 17.39
N ALA K 614 32.69 30.02 16.72
CA ALA K 614 33.75 30.80 16.11
C ALA K 614 33.25 31.76 15.04
N ALA K 615 32.07 31.51 14.48
CA ALA K 615 31.51 32.44 13.51
C ALA K 615 31.16 33.76 14.19
N ASP K 616 31.22 34.84 13.41
CA ASP K 616 30.97 36.17 13.95
C ASP K 616 29.58 36.70 13.63
N THR K 617 28.92 36.18 12.61
CA THR K 617 27.56 36.58 12.26
C THR K 617 26.76 35.36 11.86
N CYS K 618 25.44 35.47 11.99
CA CYS K 618 24.54 34.39 11.61
C CYS K 618 23.32 35.00 10.95
N ILE K 619 22.81 34.31 9.92
CA ILE K 619 21.62 34.76 9.20
C ILE K 619 20.63 33.60 9.20
N LEU K 620 19.57 33.73 10.01
CA LEU K 620 18.50 32.75 10.04
C LEU K 620 17.52 33.09 8.92
N TYR K 621 17.68 32.44 7.78
CA TYR K 621 16.85 32.76 6.62
C TYR K 621 15.37 32.60 6.97
N ASP K 622 15.05 31.58 7.74
CA ASP K 622 13.67 31.31 8.12
C ASP K 622 13.65 30.74 9.53
N SER K 623 12.44 30.56 10.06
CA SER K 623 12.25 30.02 11.40
C SER K 623 11.23 28.88 11.35
N ASP K 624 11.43 27.90 12.21
CA ASP K 624 10.60 26.71 12.23
C ASP K 624 9.40 26.91 13.16
N TRP K 625 8.47 25.96 13.12
CA TRP K 625 7.33 26.02 14.01
C TRP K 625 7.74 25.84 15.47
N ASN K 626 8.84 25.14 15.73
CA ASN K 626 9.30 24.97 17.10
C ASN K 626 10.23 26.13 17.44
N PRO K 627 9.86 27.01 18.36
CA PRO K 627 10.73 28.16 18.64
C PRO K 627 12.03 27.80 19.31
N GLN K 628 11.99 26.90 20.30
CA GLN K 628 13.23 26.52 20.95
C GLN K 628 14.19 25.88 19.97
N MET K 629 13.66 25.21 18.94
CA MET K 629 14.53 24.72 17.88
C MET K 629 15.32 25.87 17.26
N ASP K 630 14.65 26.99 17.02
CA ASP K 630 15.35 28.19 16.58
C ASP K 630 16.35 28.64 17.62
N LEU K 631 16.03 28.49 18.91
CA LEU K 631 16.96 28.92 19.93
C LEU K 631 18.25 28.11 19.92
N GLN K 632 18.16 26.78 19.77
CA GLN K 632 19.43 26.06 19.60
C GLN K 632 20.09 26.41 18.27
N ALA K 633 19.28 26.68 17.24
CA ALA K 633 19.86 27.03 15.95
C ALA K 633 20.76 28.26 16.07
N MET K 634 20.31 29.27 16.80
CA MET K 634 21.15 30.43 17.07
C MET K 634 22.19 30.15 18.15
N ASP K 635 21.93 29.19 19.05
CA ASP K 635 22.86 28.86 20.12
C ASP K 635 24.12 28.21 19.54
N ARG K 636 24.01 27.59 18.36
CA ARG K 636 25.17 26.97 17.73
C ARG K 636 26.34 27.93 17.62
N CYS K 637 26.06 29.23 17.51
CA CYS K 637 27.10 30.24 17.48
C CYS K 637 27.06 31.19 18.67
N HIS K 638 25.98 31.20 19.45
CA HIS K 638 25.81 32.17 20.52
C HIS K 638 26.36 31.70 21.86
N ARG K 639 26.86 30.46 21.96
CA ARG K 639 27.34 29.96 23.23
C ARG K 639 28.57 30.74 23.69
N ILE K 640 28.83 30.68 25.00
CA ILE K 640 29.93 31.44 25.60
C ILE K 640 31.24 31.11 24.89
N GLY K 641 32.00 32.15 24.58
CA GLY K 641 33.22 32.05 23.80
C GLY K 641 33.24 32.92 22.57
N GLN K 642 32.09 33.48 22.18
CA GLN K 642 32.02 34.34 21.01
C GLN K 642 32.80 35.63 21.24
N THR K 643 33.44 36.13 20.18
CA THR K 643 34.27 37.31 20.27
C THR K 643 33.68 38.54 19.58
N LYS K 644 32.72 38.37 18.69
CA LYS K 644 32.16 39.46 17.92
C LYS K 644 30.64 39.52 18.06
N PRO K 645 30.03 40.69 17.85
CA PRO K 645 28.58 40.82 18.03
C PRO K 645 27.78 40.18 16.90
N VAL K 646 27.46 38.89 17.05
CA VAL K 646 26.63 38.20 16.07
C VAL K 646 25.34 38.97 15.85
N HIS K 647 24.95 39.09 14.58
CA HIS K 647 23.80 39.88 14.19
C HIS K 647 22.94 39.05 13.23
N VAL K 648 21.68 38.85 13.59
CA VAL K 648 20.84 37.84 12.94
C VAL K 648 19.63 38.52 12.30
N TYR K 649 19.37 38.18 11.04
CA TYR K 649 18.20 38.61 10.29
C TYR K 649 17.35 37.41 9.93
N ARG K 650 16.04 37.50 10.17
CA ARG K 650 15.09 36.49 9.74
C ARG K 650 14.26 37.05 8.60
N LEU K 651 14.15 36.29 7.51
CA LEU K 651 13.44 36.72 6.31
C LEU K 651 12.02 36.17 6.37
N SER K 652 11.04 37.07 6.46
CA SER K 652 9.63 36.71 6.50
C SER K 652 8.92 37.35 5.31
N THR K 653 8.08 36.56 4.65
CA THR K 653 7.39 37.00 3.44
C THR K 653 6.11 37.73 3.81
N ALA K 654 6.06 39.03 3.52
CA ALA K 654 4.89 39.84 3.84
C ALA K 654 3.68 39.39 3.04
N GLN K 655 2.51 39.58 3.62
CA GLN K 655 1.23 39.19 3.01
C GLN K 655 1.23 37.71 2.65
N SER K 656 1.72 36.88 3.59
CA SER K 656 1.81 35.45 3.38
C SER K 656 1.39 34.73 4.65
N ILE K 657 0.98 33.47 4.48
CA ILE K 657 0.57 32.65 5.62
C ILE K 657 1.74 32.47 6.59
N GLU K 658 2.97 32.51 6.06
CA GLU K 658 4.15 32.38 6.92
C GLU K 658 4.25 33.52 7.91
N THR K 659 3.68 34.69 7.61
CA THR K 659 3.53 35.70 8.65
C THR K 659 2.70 35.17 9.80
N ARG K 660 1.61 34.49 9.50
CA ARG K 660 0.79 33.89 10.56
C ARG K 660 1.55 32.78 11.28
N VAL K 661 2.38 32.04 10.56
CA VAL K 661 3.23 31.03 11.20
C VAL K 661 4.16 31.70 12.20
N LEU K 662 4.77 32.81 11.78
CA LEU K 662 5.67 33.55 12.67
C LEU K 662 4.91 34.13 13.86
N LYS K 663 3.71 34.63 13.65
CA LYS K 663 2.93 35.18 14.75
C LYS K 663 2.55 34.10 15.75
N ARG K 664 2.18 32.90 15.28
CA ARG K 664 1.89 31.84 16.24
C ARG K 664 3.16 31.29 16.86
N ALA K 665 4.30 31.43 16.18
CA ALA K 665 5.57 31.17 16.84
C ALA K 665 5.78 32.13 17.99
N TYR K 666 5.44 33.41 17.79
CA TYR K 666 5.47 34.35 18.91
C TYR K 666 4.47 33.97 19.99
N SER K 667 3.32 33.41 19.61
CA SER K 667 2.36 32.99 20.62
C SER K 667 2.94 31.89 21.48
N LYS K 668 3.63 30.94 20.85
CA LYS K 668 4.32 29.89 21.60
C LYS K 668 5.45 30.46 22.44
N LEU K 669 6.12 31.50 21.94
CA LEU K 669 7.11 32.19 22.76
C LEU K 669 6.48 32.82 23.99
N LYS K 670 5.31 33.42 23.83
CA LYS K 670 4.59 33.99 24.97
C LYS K 670 4.18 32.89 25.94
N LEU K 671 3.82 31.72 25.41
CA LEU K 671 3.55 30.57 26.27
C LEU K 671 4.81 30.18 27.05
N GLU K 672 5.96 30.18 26.37
CA GLU K 672 7.23 29.95 27.05
C GLU K 672 7.42 30.92 28.20
N HIS K 673 7.21 32.21 27.91
CA HIS K 673 7.41 33.23 28.93
C HIS K 673 6.46 33.05 30.10
N VAL K 674 5.20 32.74 29.81
CA VAL K 674 4.23 32.53 30.87
C VAL K 674 4.62 31.33 31.72
N VAL K 675 5.04 30.24 31.08
CA VAL K 675 5.45 29.06 31.82
C VAL K 675 6.64 29.38 32.71
N ILE K 676 7.58 30.18 32.21
CA ILE K 676 8.75 30.52 33.01
C ILE K 676 8.35 31.41 34.19
N GLY K 677 7.61 32.48 33.90
CA GLY K 677 7.31 33.47 34.92
C GLY K 677 6.12 33.08 35.79
N GLN K 678 5.94 33.86 36.84
CA GLN K 678 4.82 33.69 37.76
C GLN K 678 4.34 35.04 38.30
N GLN K 713 5.29 47.86 6.13
CA GLN K 713 6.05 46.94 5.28
C GLN K 713 6.87 47.70 4.24
N THR K 714 7.99 48.29 4.67
CA THR K 714 8.86 49.02 3.79
C THR K 714 10.04 48.14 3.37
N ASP K 715 10.89 48.68 2.51
CA ASP K 715 12.12 48.03 2.09
C ASP K 715 13.28 48.75 2.77
N ILE K 716 14.13 47.97 3.45
CA ILE K 716 15.20 48.56 4.26
C ILE K 716 16.24 49.17 3.34
N SER K 717 16.34 50.50 3.36
CA SER K 717 17.34 51.21 2.57
C SER K 717 18.68 51.21 3.29
N ASP K 718 19.69 51.75 2.60
CA ASP K 718 21.04 51.77 3.16
C ASP K 718 21.08 52.56 4.47
N ALA K 719 20.45 53.73 4.48
CA ALA K 719 20.38 54.51 5.71
C ALA K 719 19.61 53.75 6.79
N ASP K 720 18.51 53.10 6.40
CA ASP K 720 17.70 52.38 7.39
C ASP K 720 18.48 51.22 7.98
N LEU K 721 19.13 50.41 7.14
CA LEU K 721 19.92 49.29 7.66
C LEU K 721 21.09 49.76 8.53
N ASP K 722 21.79 50.83 8.12
CA ASP K 722 22.87 51.34 8.96
C ASP K 722 22.33 51.85 10.29
N ARG K 723 21.14 52.45 10.28
CA ARG K 723 20.49 52.85 11.52
C ARG K 723 20.20 51.63 12.40
N LEU K 724 19.66 50.57 11.81
CA LEU K 724 19.21 49.44 12.60
C LEU K 724 20.37 48.64 13.19
N LEU K 725 21.49 48.54 12.48
CA LEU K 725 22.62 47.76 12.98
C LEU K 725 23.71 48.64 13.60
N ASP K 726 23.31 49.65 14.39
CA ASP K 726 24.28 50.44 15.13
C ASP K 726 25.01 49.57 16.14
N ARG K 727 26.31 49.80 16.28
CA ARG K 727 27.15 49.00 17.17
C ARG K 727 27.42 49.75 18.47
N VAL K 746 14.20 48.57 16.61
CA VAL K 746 13.36 48.72 17.80
C VAL K 746 11.89 48.62 17.37
N LYS K 747 11.34 49.71 16.84
CA LYS K 747 10.05 49.67 16.18
C LYS K 747 10.13 50.47 14.89
N GLY K 748 9.67 49.88 13.79
CA GLY K 748 9.74 50.53 12.51
C GLY K 748 8.96 49.85 11.41
N PRO K 749 8.63 50.60 10.37
CA PRO K 749 7.91 50.02 9.22
C PRO K 749 8.82 49.09 8.42
N GLY K 750 8.40 47.83 8.29
CA GLY K 750 9.15 46.84 7.56
C GLY K 750 10.25 46.15 8.34
N TRP K 751 10.46 46.53 9.60
CA TRP K 751 11.49 45.90 10.42
C TRP K 751 11.09 45.99 11.88
N GLU K 752 11.31 44.90 12.61
CA GLU K 752 11.00 44.82 14.03
C GLU K 752 12.08 44.03 14.74
N VAL K 753 12.61 44.60 15.82
CA VAL K 753 13.55 43.92 16.70
C VAL K 753 12.77 43.33 17.85
N VAL K 754 13.09 42.09 18.23
CA VAL K 754 12.40 41.46 19.35
C VAL K 754 12.64 42.29 20.61
N LEU K 755 11.55 42.70 21.25
CA LEU K 755 11.64 43.48 22.46
C LEU K 755 12.29 42.64 23.56
N PRO K 756 12.91 43.28 24.55
CA PRO K 756 13.63 42.50 25.58
C PRO K 756 12.74 41.48 26.27
N SER K 757 13.06 40.20 26.07
CA SER K 757 12.26 39.13 26.65
C SER K 757 12.47 39.02 28.15
N SER K 758 13.53 39.65 28.69
CA SER K 758 13.71 39.70 30.12
C SER K 758 12.97 40.91 30.69
N GLY K 759 12.13 40.68 31.69
CA GLY K 759 11.30 41.73 32.23
C GLY K 759 12.02 42.64 33.21
N GLY K 760 13.11 43.26 32.77
CA GLY K 760 13.84 44.18 33.62
C GLY K 760 15.00 43.53 34.34
N MET K 761 16.14 44.21 34.37
CA MET K 761 17.33 43.70 35.05
C MET K 761 17.13 43.67 36.55
#